data_6BJ2
#
_entry.id   6BJ2
#
_cell.length_a   156.480
_cell.length_b   59.280
_cell.length_c   123.570
_cell.angle_alpha   90.00
_cell.angle_beta   110.77
_cell.angle_gamma   90.00
#
_symmetry.space_group_name_H-M   'C 1 2 1'
#
loop_
_entity.id
_entity.type
_entity.pdbx_description
1 polymer 'TCR 589 alpha chain'
2 polymer 'TCR 589 beta chain'
3 polymer 'HLA class I histocompatibility antigen, B-35 alpha chain'
4 polymer Beta-2-microglobulin
5 polymer 'HIV Pol B35 peptide'
6 branched 2-acetamido-2-deoxy-beta-D-glucopyranose-(1-4)-2-acetamido-2-deoxy-beta-D-glucopyranose
7 non-polymer 'ZINC ION'
8 non-polymer 2-acetamido-2-deoxy-beta-D-glucopyranose
9 water water
#
loop_
_entity_poly.entity_id
_entity_poly.type
_entity_poly.pdbx_seq_one_letter_code
_entity_poly.pdbx_strand_id
1 'polypeptide(L)'
;(PCA)KVTQAQTEISVVEKEDVTLDCVYETRDTTYYLFWYKQPPSGELVFLIRRNSFDEQNEISGRYSWNFQKSTSSFNF
TITASQVVDSAVYFCALSHNSGGSNYKLTFGKGTLLTVNPNIQNPDPAVYQLRDSKSSDKSVCLFTDFDSQTNVSQSKDS
DVYITDKTVLDMRSMDFKSNSAVAWSNKSDFACANAFNNSIIPEDTFFPS
;
D
2 'polypeptide(L)'
;AGVTQSPTHLIKTRGQQVTLRCSSQSGHNTVSWYQQALGQGPQFIFQYYREEENGRGNFPPRFSGLQFPNYSSELNVNAL
ELDDSALYLCASSFRGGKTQYFGPGTRLLVLEDLKNVFPPEVAVFEPSEAEISHTQKATLVCLATGFYPDHVELSWWVNG
KEVHSGVCTDPQPLKEQPALNDSRYALSSRLRVSATFWQNPRNHFRCQVQFYGLSENDEWTQDRAKPVTQIVSAEAWGRA
D
;
E
3 'polypeptide(L)'
;GSHSMRYFYTAMSRPGRGEPRFIAVGYVDDTQFVRFDSDAASPRTEPRAPWIEQEGPEYWDRNTQIFKTNTQTYRESLRN
LRGYYNQSEAGSHIIQRMYGCDLGPDGRLLRGHDQSAYDGKDYIALNEDLSSWTAADTAAQITQRKWEAARVAEQLRAYL
EGLCVEWLRRYLENGKETLQRADPPKTHVTHHPVSDHEATLRCWALGFYPAEITLTWQRDGEDQTQDTELVETRPAGDRT
FQKWAAVVVPSGEEQRYTCHVQHEGLPKPLTLRWEP
;
A
4 'polypeptide(L)'
;IQRTPKIQVYSRHPAENGKSNFLNCYVSGFHPSDIEVDLLKNGERIEKVEHSDLSFSKDWSFYLLYYTEFTPTEKDEYAC
RVNHVTLSQPKIVKWDRDM
;
B
5 'polypeptide(L)' IPLTEEAEL C
#
# COMPACT_ATOMS: atom_id res chain seq x y z
N LYS A 2 -0.60 15.50 -4.73
CA LYS A 2 -1.81 15.51 -5.53
C LYS A 2 -1.65 14.87 -6.91
N VAL A 3 -2.79 14.47 -7.48
CA VAL A 3 -2.88 13.90 -8.82
C VAL A 3 -3.91 14.69 -9.60
N THR A 4 -3.63 14.93 -10.88
CA THR A 4 -4.49 15.78 -11.71
C THR A 4 -4.73 15.14 -13.06
N GLN A 5 -6.00 14.99 -13.42
CA GLN A 5 -6.43 14.54 -14.76
C GLN A 5 -7.20 15.70 -15.40
N ALA A 6 -6.52 16.41 -16.30
CA ALA A 6 -7.11 17.62 -16.87
C ALA A 6 -8.30 17.32 -17.77
N GLN A 7 -8.27 16.20 -18.48
CA GLN A 7 -9.36 15.83 -19.38
C GLN A 7 -10.61 15.52 -18.56
N THR A 8 -11.66 16.31 -18.76
CA THR A 8 -12.91 16.07 -18.05
C THR A 8 -13.73 14.98 -18.76
N GLU A 9 -14.01 15.18 -20.05
CA GLU A 9 -14.76 14.22 -20.85
C GLU A 9 -14.13 14.13 -22.22
N ILE A 10 -14.28 12.95 -22.84
CA ILE A 10 -13.72 12.68 -24.15
C ILE A 10 -14.78 11.98 -24.99
N SER A 11 -14.99 12.47 -26.21
CA SER A 11 -15.95 11.89 -27.14
C SER A 11 -15.19 11.39 -28.37
N VAL A 12 -15.13 10.07 -28.54
CA VAL A 12 -14.46 9.46 -29.68
C VAL A 12 -15.43 8.52 -30.39
N VAL A 13 -14.99 8.00 -31.52
CA VAL A 13 -15.75 7.06 -32.33
C VAL A 13 -14.95 5.77 -32.41
N GLU A 14 -15.59 4.71 -32.92
CA GLU A 14 -14.98 3.40 -32.96
C GLU A 14 -13.69 3.39 -33.77
N LYS A 15 -12.81 2.44 -33.43
CA LYS A 15 -11.53 2.21 -34.11
C LYS A 15 -10.59 3.41 -34.05
N GLU A 16 -10.93 4.45 -33.29
CA GLU A 16 -10.11 5.64 -33.18
C GLU A 16 -9.22 5.57 -31.95
N ASP A 17 -7.97 5.95 -32.10
CA ASP A 17 -7.01 5.93 -31.00
C ASP A 17 -7.22 7.15 -30.12
N VAL A 18 -7.47 6.93 -28.83
CA VAL A 18 -7.70 7.99 -27.86
C VAL A 18 -6.66 7.84 -26.75
N THR A 19 -6.05 8.95 -26.36
CA THR A 19 -5.06 8.96 -25.29
C THR A 19 -5.62 9.70 -24.08
N LEU A 20 -5.22 9.23 -22.90
CA LEU A 20 -5.65 9.81 -21.63
C LEU A 20 -4.45 10.43 -20.93
N ASP A 21 -4.67 11.59 -20.32
CA ASP A 21 -3.61 12.38 -19.73
C ASP A 21 -3.74 12.35 -18.20
N CYS A 22 -2.68 11.88 -17.54
CA CYS A 22 -2.63 11.81 -16.08
C CYS A 22 -1.25 12.28 -15.63
N VAL A 23 -1.22 13.39 -14.90
CA VAL A 23 0.03 13.96 -14.40
C VAL A 23 0.00 13.95 -12.88
N TYR A 24 1.19 13.83 -12.28
CA TYR A 24 1.32 13.78 -10.83
C TYR A 24 2.48 14.67 -10.41
N GLU A 25 2.41 15.14 -9.16
CA GLU A 25 3.47 15.89 -8.52
C GLU A 25 3.80 15.20 -7.21
N THR A 26 5.09 14.97 -6.96
CA THR A 26 5.48 14.10 -5.85
C THR A 26 6.98 14.25 -5.59
N ARG A 27 7.32 14.78 -4.41
CA ARG A 27 8.72 15.05 -4.09
C ARG A 27 9.44 13.79 -3.63
N ASP A 28 8.80 12.97 -2.79
CA ASP A 28 9.44 11.75 -2.34
C ASP A 28 9.60 10.79 -3.51
N THR A 29 10.66 9.98 -3.48
CA THR A 29 11.11 9.35 -4.71
C THR A 29 10.41 8.03 -4.99
N THR A 30 10.07 7.28 -3.95
CA THR A 30 9.51 5.94 -4.12
C THR A 30 7.98 6.02 -4.11
N TYR A 31 7.36 5.49 -5.17
CA TYR A 31 5.92 5.52 -5.30
C TYR A 31 5.50 4.44 -6.29
N TYR A 32 4.20 4.11 -6.23
CA TYR A 32 3.60 3.09 -7.10
C TYR A 32 2.40 3.71 -7.80
N LEU A 33 2.42 3.72 -9.13
CA LEU A 33 1.35 4.29 -9.93
C LEU A 33 0.37 3.22 -10.39
N PHE A 34 -0.85 3.64 -10.68
CA PHE A 34 -1.92 2.70 -11.00
C PHE A 34 -2.90 3.31 -11.98
N TRP A 35 -3.63 2.42 -12.66
CA TRP A 35 -4.71 2.79 -13.56
C TRP A 35 -5.90 1.89 -13.29
N TYR A 36 -7.08 2.49 -13.16
CA TYR A 36 -8.31 1.75 -12.86
C TYR A 36 -9.38 2.11 -13.88
N LYS A 37 -10.15 1.10 -14.28
CA LYS A 37 -11.33 1.30 -15.12
C LYS A 37 -12.57 1.06 -14.28
N GLN A 38 -13.52 1.99 -14.35
CA GLN A 38 -14.77 1.90 -13.60
C GLN A 38 -15.94 1.85 -14.57
N PRO A 39 -16.46 0.66 -14.89
CA PRO A 39 -17.68 0.57 -15.69
C PRO A 39 -18.87 1.13 -14.93
N PRO A 40 -20.01 1.35 -15.59
CA PRO A 40 -21.16 1.96 -14.89
C PRO A 40 -21.67 1.14 -13.70
N SER A 41 -21.14 -0.06 -13.47
CA SER A 41 -21.56 -0.83 -12.30
C SER A 41 -21.07 -0.19 -11.00
N GLY A 42 -19.97 0.56 -11.06
CA GLY A 42 -19.45 1.28 -9.92
C GLY A 42 -18.10 0.80 -9.42
N GLU A 43 -17.73 -0.44 -9.72
CA GLU A 43 -16.48 -0.98 -9.21
C GLU A 43 -15.32 -0.59 -10.12
N LEU A 44 -14.11 -0.66 -9.57
CA LEU A 44 -12.88 -0.38 -10.30
C LEU A 44 -12.08 -1.66 -10.46
N VAL A 45 -11.69 -1.95 -11.69
CA VAL A 45 -10.92 -3.15 -12.00
C VAL A 45 -9.45 -2.77 -12.13
N PHE A 46 -8.58 -3.70 -11.73
CA PHE A 46 -7.15 -3.43 -11.69
C PHE A 46 -6.54 -3.64 -13.06
N LEU A 47 -5.95 -2.58 -13.63
CA LEU A 47 -5.35 -2.62 -14.95
C LEU A 47 -3.84 -2.75 -14.93
N ILE A 48 -3.14 -1.88 -14.20
CA ILE A 48 -1.70 -1.73 -14.33
C ILE A 48 -1.09 -1.32 -12.99
N ARG A 49 0.17 -1.72 -12.80
CA ARG A 49 0.99 -1.26 -11.68
C ARG A 49 2.33 -0.77 -12.21
N ARG A 50 2.63 0.51 -11.99
CA ARG A 50 3.88 1.11 -12.40
C ARG A 50 4.62 1.62 -11.17
N ASN A 51 5.95 1.57 -11.22
CA ASN A 51 6.80 1.91 -10.09
C ASN A 51 7.78 3.03 -10.50
N SER A 52 8.65 3.38 -9.55
CA SER A 52 9.57 4.50 -9.78
C SER A 52 10.78 4.08 -10.61
N PHE A 53 11.24 2.84 -10.45
CA PHE A 53 12.44 2.36 -11.12
C PHE A 53 12.13 1.68 -12.45
N ASP A 54 10.88 1.72 -12.90
CA ASP A 54 10.51 1.02 -14.11
C ASP A 54 10.91 1.81 -15.36
N GLU A 55 10.54 1.29 -16.52
CA GLU A 55 11.02 1.80 -17.79
C GLU A 55 10.18 3.01 -18.22
N GLN A 56 10.41 3.47 -19.45
CA GLN A 56 9.71 4.64 -19.96
C GLN A 56 8.50 4.26 -20.79
N ASN A 57 8.66 3.31 -21.70
CA ASN A 57 7.58 2.88 -22.59
C ASN A 57 7.21 1.44 -22.29
N GLU A 58 5.92 1.16 -22.28
CA GLU A 58 5.42 -0.20 -22.00
C GLU A 58 4.05 -0.34 -22.64
N ILE A 59 3.90 -1.31 -23.54
CA ILE A 59 2.67 -1.52 -24.29
C ILE A 59 2.22 -2.96 -24.12
N SER A 60 0.92 -3.15 -23.90
CA SER A 60 0.34 -4.48 -23.74
C SER A 60 -1.02 -4.50 -24.40
N GLY A 61 -1.13 -5.20 -25.52
CA GLY A 61 -2.41 -5.25 -26.23
C GLY A 61 -2.75 -3.92 -26.87
N ARG A 62 -4.04 -3.59 -26.87
CA ARG A 62 -4.46 -2.28 -27.33
C ARG A 62 -4.06 -1.17 -26.36
N TYR A 63 -3.76 -1.51 -25.11
CA TYR A 63 -3.35 -0.51 -24.13
C TYR A 63 -1.86 -0.22 -24.29
N SER A 64 -1.52 1.07 -24.28
CA SER A 64 -0.13 1.50 -24.38
C SER A 64 0.10 2.61 -23.37
N TRP A 65 0.97 2.35 -22.39
CA TRP A 65 1.25 3.29 -21.32
C TRP A 65 2.57 4.01 -21.56
N ASN A 66 2.65 5.25 -21.07
CA ASN A 66 3.82 6.12 -21.24
C ASN A 66 4.17 6.74 -19.88
N PHE A 67 5.05 6.06 -19.14
CA PHE A 67 5.51 6.56 -17.85
C PHE A 67 6.90 7.16 -18.00
N GLN A 68 7.02 8.46 -17.74
CA GLN A 68 8.31 9.12 -17.73
C GLN A 68 8.44 9.97 -16.48
N LYS A 69 9.64 9.99 -15.91
CA LYS A 69 9.87 10.66 -14.64
C LYS A 69 10.22 12.14 -14.79
N SER A 70 10.60 12.56 -15.99
CA SER A 70 10.91 13.97 -16.22
C SER A 70 9.64 14.80 -16.27
N THR A 71 8.70 14.43 -17.14
CA THR A 71 7.43 15.15 -17.22
C THR A 71 6.56 14.88 -16.01
N SER A 72 6.88 13.83 -15.23
CA SER A 72 6.08 13.42 -14.08
C SER A 72 4.63 13.15 -14.49
N SER A 73 4.47 12.54 -15.66
CA SER A 73 3.15 12.20 -16.18
C SER A 73 3.13 10.72 -16.57
N PHE A 74 1.96 10.12 -16.42
CA PHE A 74 1.72 8.72 -16.75
C PHE A 74 0.63 8.61 -17.82
N ASN A 75 0.76 9.43 -18.87
CA ASN A 75 -0.28 9.54 -19.90
C ASN A 75 -0.60 8.17 -20.49
N PHE A 76 -1.89 7.85 -20.56
CA PHE A 76 -2.38 6.57 -21.05
C PHE A 76 -2.89 6.74 -22.48
N THR A 77 -2.67 5.72 -23.31
CA THR A 77 -3.12 5.73 -24.70
C THR A 77 -3.92 4.47 -24.99
N ILE A 78 -5.11 4.65 -25.53
CA ILE A 78 -5.98 3.56 -25.97
C ILE A 78 -5.95 3.52 -27.49
N THR A 79 -5.49 2.41 -28.05
CA THR A 79 -5.44 2.22 -29.49
C THR A 79 -6.67 1.46 -29.97
N ALA A 80 -7.23 1.91 -31.09
CA ALA A 80 -8.42 1.30 -31.71
C ALA A 80 -9.53 1.10 -30.67
N SER A 81 -10.01 2.24 -30.15
CA SER A 81 -11.02 2.22 -29.10
C SER A 81 -12.28 1.51 -29.58
N GLN A 82 -12.83 0.66 -28.73
CA GLN A 82 -14.06 -0.07 -29.01
C GLN A 82 -15.17 0.41 -28.08
N VAL A 83 -16.38 -0.07 -28.34
CA VAL A 83 -17.53 0.34 -27.54
C VAL A 83 -17.37 -0.13 -26.10
N VAL A 84 -16.76 -1.29 -25.89
CA VAL A 84 -16.59 -1.82 -24.54
C VAL A 84 -15.65 -0.97 -23.70
N ASP A 85 -14.78 -0.18 -24.33
CA ASP A 85 -13.81 0.62 -23.60
C ASP A 85 -14.40 1.91 -23.04
N SER A 86 -15.70 2.13 -23.18
CA SER A 86 -16.35 3.34 -22.68
C SER A 86 -16.62 3.18 -21.19
N ALA A 87 -15.87 3.90 -20.37
CA ALA A 87 -16.03 3.90 -18.92
C ALA A 87 -15.31 5.13 -18.37
N VAL A 88 -15.05 5.13 -17.08
CA VAL A 88 -14.27 6.18 -16.43
C VAL A 88 -12.95 5.58 -15.98
N TYR A 89 -11.86 6.23 -16.34
CA TYR A 89 -10.51 5.74 -16.05
C TYR A 89 -9.84 6.65 -15.02
N PHE A 90 -9.44 6.07 -13.90
CA PHE A 90 -8.74 6.78 -12.85
C PHE A 90 -7.27 6.35 -12.82
N CYS A 91 -6.40 7.30 -12.52
CA CYS A 91 -5.01 7.01 -12.19
C CYS A 91 -4.79 7.37 -10.72
N ALA A 92 -4.29 6.42 -9.95
CA ALA A 92 -4.01 6.62 -8.54
C ALA A 92 -2.52 6.64 -8.29
N LEU A 93 -2.16 7.08 -7.09
CA LEU A 93 -0.76 7.15 -6.69
C LEU A 93 -0.64 6.62 -5.27
N SER A 94 0.25 5.65 -5.08
CA SER A 94 0.47 5.04 -3.78
C SER A 94 1.72 5.69 -3.19
N HIS A 95 1.51 6.75 -2.41
CA HIS A 95 2.58 7.47 -1.72
C HIS A 95 2.50 7.19 -0.23
N ASN A 96 3.43 7.78 0.50
CA ASN A 96 3.46 7.72 1.96
C ASN A 96 2.78 8.96 2.50
N SER A 97 1.59 8.77 3.10
CA SER A 97 0.89 9.81 3.84
C SER A 97 0.96 9.47 5.31
N GLY A 98 1.61 10.32 6.10
CA GLY A 98 1.76 10.07 7.52
C GLY A 98 2.86 9.08 7.82
N GLY A 99 2.49 7.82 8.04
CA GLY A 99 3.46 6.79 8.34
C GLY A 99 2.87 5.39 8.34
N SER A 100 3.70 4.41 7.95
CA SER A 100 3.33 3.00 7.91
C SER A 100 2.15 2.73 6.98
N ASN A 101 1.84 3.65 6.07
CA ASN A 101 0.69 3.49 5.20
C ASN A 101 0.99 4.10 3.84
N TYR A 102 0.86 3.29 2.79
CA TYR A 102 0.85 3.79 1.42
C TYR A 102 -0.61 4.01 1.03
N LYS A 103 -1.05 5.27 1.06
CA LYS A 103 -2.42 5.57 0.72
C LYS A 103 -2.54 5.90 -0.77
N LEU A 104 -3.75 5.72 -1.30
CA LEU A 104 -4.05 6.02 -2.69
C LEU A 104 -4.69 7.40 -2.81
N THR A 105 -4.43 8.06 -3.92
CA THR A 105 -4.96 9.39 -4.20
C THR A 105 -5.45 9.41 -5.64
N PHE A 106 -6.77 9.45 -5.83
CA PHE A 106 -7.36 9.37 -7.16
C PHE A 106 -7.61 10.76 -7.72
N GLY A 107 -7.49 10.87 -9.04
CA GLY A 107 -7.71 12.13 -9.74
C GLY A 107 -9.17 12.38 -10.02
N LYS A 108 -9.40 13.44 -10.82
CA LYS A 108 -10.75 13.95 -11.05
C LYS A 108 -11.62 12.93 -11.77
N GLY A 109 -11.07 12.20 -12.73
CA GLY A 109 -11.84 11.25 -13.50
C GLY A 109 -12.09 11.68 -14.92
N THR A 110 -11.77 10.82 -15.88
CA THR A 110 -11.91 11.11 -17.30
C THR A 110 -13.04 10.25 -17.87
N LEU A 111 -14.07 10.90 -18.41
CA LEU A 111 -15.20 10.19 -19.00
C LEU A 111 -14.90 9.91 -20.47
N LEU A 112 -14.76 8.64 -20.81
CA LEU A 112 -14.52 8.21 -22.18
C LEU A 112 -15.79 7.60 -22.75
N THR A 113 -16.22 8.08 -23.91
CA THR A 113 -17.40 7.57 -24.59
C THR A 113 -17.06 7.27 -26.03
N VAL A 114 -17.47 6.10 -26.51
CA VAL A 114 -17.22 5.66 -27.87
C VAL A 114 -18.57 5.58 -28.58
N ASN A 115 -18.82 6.54 -29.47
CA ASN A 115 -20.05 6.58 -30.26
C ASN A 115 -19.91 5.74 -31.53
N PRO A 116 -21.01 5.16 -32.00
CA PRO A 116 -20.91 4.28 -33.17
C PRO A 116 -20.47 5.01 -34.43
N ASN A 117 -19.66 4.33 -35.24
CA ASN A 117 -19.17 4.88 -36.51
C ASN A 117 -20.23 4.61 -37.58
N ILE A 118 -21.21 5.51 -37.65
CA ILE A 118 -22.30 5.37 -38.60
C ILE A 118 -21.75 5.62 -40.01
N GLN A 119 -21.47 4.53 -40.73
CA GLN A 119 -20.94 4.66 -42.07
C GLN A 119 -22.02 5.09 -43.06
N ASN A 120 -23.27 4.72 -42.81
CA ASN A 120 -24.39 5.05 -43.67
C ASN A 120 -25.48 5.69 -42.81
N PRO A 121 -25.42 7.00 -42.59
CA PRO A 121 -26.40 7.65 -41.70
C PRO A 121 -27.74 7.84 -42.40
N ASP A 122 -28.81 7.41 -41.74
CA ASP A 122 -30.17 7.48 -42.28
C ASP A 122 -31.13 7.95 -41.18
N PRO A 123 -31.09 9.24 -40.83
CA PRO A 123 -31.92 9.71 -39.73
C PRO A 123 -33.41 9.68 -40.06
N ALA A 124 -34.22 9.38 -39.05
CA ALA A 124 -35.65 9.18 -39.22
C ALA A 124 -36.34 9.36 -37.88
N VAL A 125 -37.61 9.75 -37.92
CA VAL A 125 -38.42 10.01 -36.73
C VAL A 125 -39.68 9.17 -36.84
N TYR A 126 -39.72 8.05 -36.12
CA TYR A 126 -40.89 7.17 -36.12
C TYR A 126 -41.74 7.41 -34.87
N GLN A 127 -42.90 6.76 -34.86
CA GLN A 127 -43.84 6.86 -33.74
C GLN A 127 -44.19 5.46 -33.26
N LEU A 128 -44.22 5.28 -31.95
CA LEU A 128 -44.52 3.99 -31.34
C LEU A 128 -45.78 4.09 -30.49
N ARG A 129 -46.53 2.99 -30.44
CA ARG A 129 -47.79 2.91 -29.71
C ARG A 129 -47.67 1.85 -28.62
N ASP A 130 -48.36 2.09 -27.49
CA ASP A 130 -48.31 1.18 -26.36
C ASP A 130 -48.78 -0.21 -26.77
N SER A 131 -47.98 -1.22 -26.46
CA SER A 131 -48.30 -2.59 -26.87
C SER A 131 -49.48 -3.14 -26.07
N LYS A 132 -49.48 -2.92 -24.75
CA LYS A 132 -50.40 -3.60 -23.84
C LYS A 132 -51.69 -2.80 -23.65
N SER A 133 -52.50 -2.78 -24.72
CA SER A 133 -53.87 -2.27 -24.68
C SER A 133 -53.96 -0.88 -24.07
N SER A 134 -53.09 0.01 -24.52
CA SER A 134 -53.16 1.42 -24.19
C SER A 134 -52.77 2.23 -25.42
N ASP A 135 -53.00 3.55 -25.35
CA ASP A 135 -52.81 4.41 -26.50
C ASP A 135 -51.77 5.50 -26.27
N LYS A 136 -51.03 5.45 -25.16
CA LYS A 136 -49.96 6.42 -24.94
C LYS A 136 -48.91 6.30 -26.04
N SER A 137 -48.49 7.44 -26.58
CA SER A 137 -47.63 7.48 -27.75
C SER A 137 -46.23 7.96 -27.38
N VAL A 138 -45.24 7.42 -28.10
CA VAL A 138 -43.83 7.76 -27.94
C VAL A 138 -43.27 8.10 -29.31
N CYS A 139 -42.40 9.10 -29.36
CA CYS A 139 -41.71 9.49 -30.58
C CYS A 139 -40.24 9.16 -30.45
N LEU A 140 -39.63 8.75 -31.56
CA LEU A 140 -38.27 8.21 -31.59
C LEU A 140 -37.46 8.89 -32.67
N PHE A 141 -36.27 9.37 -32.31
CA PHE A 141 -35.30 9.92 -33.25
C PHE A 141 -34.09 9.00 -33.24
N THR A 142 -33.82 8.36 -34.38
CA THR A 142 -32.81 7.30 -34.42
C THR A 142 -32.05 7.36 -35.73
N ASP A 143 -30.94 6.61 -35.75
CA ASP A 143 -30.11 6.42 -36.95
C ASP A 143 -29.53 7.74 -37.46
N PHE A 144 -29.02 8.54 -36.53
CA PHE A 144 -28.33 9.77 -36.87
C PHE A 144 -26.84 9.65 -36.56
N ASP A 145 -26.05 10.50 -37.22
CA ASP A 145 -24.60 10.44 -37.06
C ASP A 145 -24.20 10.82 -35.64
N SER A 146 -23.02 10.36 -35.23
CA SER A 146 -22.53 10.59 -33.88
C SER A 146 -22.22 12.05 -33.61
N GLN A 147 -22.19 12.90 -34.64
CA GLN A 147 -21.84 14.31 -34.49
C GLN A 147 -23.06 15.19 -34.18
N THR A 148 -24.19 14.59 -33.83
CA THR A 148 -25.43 15.33 -33.57
C THR A 148 -25.67 15.42 -32.06
N ASN A 149 -25.99 16.62 -31.59
CA ASN A 149 -26.16 16.91 -30.17
C ASN A 149 -27.51 17.57 -29.97
N VAL A 150 -28.40 16.90 -29.25
CA VAL A 150 -29.73 17.40 -28.95
C VAL A 150 -30.09 17.01 -27.52
N SER A 151 -30.54 17.96 -26.73
CA SER A 151 -30.89 17.69 -25.34
C SER A 151 -31.89 18.67 -24.75
N GLN A 152 -32.35 19.67 -25.50
CA GLN A 152 -33.20 20.72 -24.95
C GLN A 152 -34.66 20.40 -25.24
N SER A 153 -35.44 20.21 -24.17
CA SER A 153 -36.89 20.04 -24.33
C SER A 153 -37.55 21.36 -24.69
N LYS A 154 -37.16 22.45 -24.04
CA LYS A 154 -37.71 23.78 -24.30
C LYS A 154 -39.23 23.82 -24.09
N ASP A 155 -39.73 22.93 -23.23
CA ASP A 155 -41.14 22.84 -22.88
C ASP A 155 -41.25 21.96 -21.64
N SER A 156 -42.16 22.33 -20.74
CA SER A 156 -42.29 21.60 -19.48
C SER A 156 -43.06 20.29 -19.65
N ASP A 157 -44.22 20.35 -20.30
CA ASP A 157 -45.05 19.16 -20.45
C ASP A 157 -44.46 18.18 -21.45
N VAL A 158 -43.56 18.63 -22.33
CA VAL A 158 -42.93 17.77 -23.32
C VAL A 158 -41.57 17.33 -22.77
N TYR A 159 -41.29 16.04 -22.89
CA TYR A 159 -40.06 15.45 -22.37
C TYR A 159 -39.19 14.98 -23.52
N ILE A 160 -37.88 15.22 -23.43
CA ILE A 160 -36.94 14.86 -24.48
C ILE A 160 -35.66 14.34 -23.83
N THR A 161 -35.27 13.11 -24.20
CA THR A 161 -34.02 12.54 -23.75
C THR A 161 -32.92 12.80 -24.78
N ASP A 162 -31.68 12.87 -24.30
CA ASP A 162 -30.55 13.13 -25.19
C ASP A 162 -29.98 11.82 -25.72
N LYS A 163 -28.81 11.90 -26.37
CA LYS A 163 -28.20 10.73 -26.97
C LYS A 163 -27.84 9.69 -25.91
N THR A 164 -28.01 8.42 -26.25
CA THR A 164 -27.81 7.33 -25.31
C THR A 164 -26.38 6.82 -25.35
N VAL A 165 -26.11 5.81 -24.53
CA VAL A 165 -24.83 5.13 -24.49
C VAL A 165 -25.09 3.64 -24.70
N LEU A 166 -24.34 3.04 -25.63
CA LEU A 166 -24.53 1.63 -25.94
C LEU A 166 -23.99 0.76 -24.81
N ASP A 167 -24.57 -0.43 -24.67
CA ASP A 167 -24.05 -1.40 -23.72
C ASP A 167 -22.62 -1.77 -24.10
N MET A 168 -21.80 -2.02 -23.08
CA MET A 168 -20.39 -2.33 -23.34
C MET A 168 -20.23 -3.64 -24.09
N ARG A 169 -21.03 -4.65 -23.75
CA ARG A 169 -20.97 -5.96 -24.40
C ARG A 169 -21.76 -6.02 -25.70
N SER A 170 -22.18 -4.88 -26.24
CA SER A 170 -23.06 -4.83 -27.40
C SER A 170 -22.24 -5.02 -28.67
N MET A 171 -22.07 -6.27 -29.09
CA MET A 171 -21.24 -6.53 -30.26
C MET A 171 -22.02 -6.30 -31.56
N ASP A 172 -23.32 -6.64 -31.57
CA ASP A 172 -23.98 -6.86 -32.85
C ASP A 172 -24.57 -5.58 -33.42
N PHE A 173 -25.34 -4.85 -32.60
CA PHE A 173 -26.08 -3.67 -33.06
C PHE A 173 -25.57 -2.43 -32.34
N LYS A 174 -25.36 -1.36 -33.12
CA LYS A 174 -24.80 -0.10 -32.60
C LYS A 174 -25.46 1.06 -33.32
N SER A 175 -26.35 1.77 -32.64
CA SER A 175 -27.05 2.89 -33.25
C SER A 175 -27.33 3.95 -32.20
N ASN A 176 -27.43 5.20 -32.64
CA ASN A 176 -27.81 6.30 -31.76
C ASN A 176 -29.32 6.50 -31.80
N SER A 177 -29.88 6.96 -30.68
CA SER A 177 -31.31 7.11 -30.57
C SER A 177 -31.65 8.21 -29.58
N ALA A 178 -32.89 8.68 -29.65
CA ALA A 178 -33.42 9.69 -28.73
C ALA A 178 -34.93 9.56 -28.72
N VAL A 179 -35.53 9.69 -27.54
CA VAL A 179 -36.94 9.42 -27.33
C VAL A 179 -37.60 10.63 -26.69
N ALA A 180 -38.76 11.02 -27.23
CA ALA A 180 -39.58 12.08 -26.67
C ALA A 180 -41.01 11.57 -26.48
N TRP A 181 -41.70 12.12 -25.49
CA TRP A 181 -43.07 11.71 -25.22
C TRP A 181 -43.77 12.80 -24.43
N SER A 182 -45.10 12.72 -24.40
CA SER A 182 -45.93 13.64 -23.64
C SER A 182 -47.33 13.05 -23.54
N ASN A 183 -48.09 13.57 -22.57
CA ASN A 183 -49.46 13.11 -22.33
C ASN A 183 -50.47 14.25 -22.49
N LYS A 184 -50.09 15.32 -23.18
CA LYS A 184 -50.96 16.47 -23.40
C LYS A 184 -51.35 16.56 -24.87
N SER A 185 -52.08 17.61 -25.21
CA SER A 185 -52.55 17.84 -26.56
C SER A 185 -51.50 18.59 -27.38
N ASP A 186 -51.78 18.79 -28.66
CA ASP A 186 -50.89 19.52 -29.54
C ASP A 186 -49.56 18.80 -29.74
N ALA A 188 -48.71 15.29 -32.68
CA ALA A 188 -47.78 16.04 -31.83
C ALA A 188 -46.34 15.69 -32.13
N CYS A 189 -46.14 14.62 -32.90
CA CYS A 189 -44.80 14.11 -33.16
C CYS A 189 -44.01 15.03 -34.09
N ALA A 190 -44.70 15.86 -34.90
CA ALA A 190 -43.99 16.69 -35.85
C ALA A 190 -43.20 17.80 -35.15
N ASN A 191 -43.78 18.40 -34.11
CA ASN A 191 -43.10 19.44 -33.35
C ASN A 191 -42.16 18.89 -32.30
N ALA A 192 -41.92 17.57 -32.27
CA ALA A 192 -41.24 16.97 -31.14
C ALA A 192 -39.78 17.43 -31.05
N PHE A 193 -39.16 17.68 -32.19
CA PHE A 193 -37.72 17.98 -32.25
C PHE A 193 -37.54 19.37 -32.85
N ASN A 194 -37.41 20.36 -31.97
CA ASN A 194 -36.87 21.67 -32.33
C ASN A 194 -35.39 21.76 -32.04
N ASN A 195 -34.78 20.66 -31.59
CA ASN A 195 -33.34 20.60 -31.34
C ASN A 195 -32.65 20.02 -32.58
N SER A 196 -31.90 20.87 -33.29
CA SER A 196 -31.01 20.46 -34.38
C SER A 196 -31.70 19.48 -35.34
N ILE A 197 -32.92 19.82 -35.75
CA ILE A 197 -33.67 19.04 -36.72
C ILE A 197 -33.16 19.43 -38.11
N ILE A 198 -32.57 18.47 -38.81
CA ILE A 198 -32.11 18.69 -40.17
C ILE A 198 -33.00 17.90 -41.12
N GLU A 200 -32.94 17.85 -44.16
CA GLU A 200 -32.31 17.47 -45.42
C GLU A 200 -32.49 15.97 -45.71
N ASP A 201 -32.33 15.15 -44.67
CA ASP A 201 -32.40 13.70 -44.81
C ASP A 201 -33.10 13.09 -43.59
N THR A 202 -34.34 13.51 -43.35
CA THR A 202 -35.11 12.99 -42.23
C THR A 202 -36.40 12.36 -42.74
N PHE A 203 -36.64 11.12 -42.32
CA PHE A 203 -37.86 10.41 -42.70
C PHE A 203 -38.98 10.76 -41.73
N PHE A 204 -40.10 11.24 -42.28
CA PHE A 204 -41.30 11.53 -41.49
C PHE A 204 -42.46 10.72 -42.04
N PRO A 205 -42.79 9.55 -41.44
CA PRO A 205 -43.90 8.74 -41.92
C PRO A 205 -45.26 9.33 -41.58
N ALA B 1 -14.00 -16.82 -4.56
CA ALA B 1 -14.78 -15.60 -4.47
C ALA B 1 -14.14 -14.61 -3.50
N GLY B 2 -13.25 -13.76 -4.03
CA GLY B 2 -12.43 -12.95 -3.16
C GLY B 2 -13.03 -11.63 -2.74
N VAL B 3 -13.84 -11.01 -3.59
CA VAL B 3 -14.31 -9.65 -3.38
C VAL B 3 -15.82 -9.63 -3.32
N THR B 4 -16.37 -9.34 -2.14
CA THR B 4 -17.80 -9.13 -1.96
C THR B 4 -18.02 -7.92 -1.08
N GLN B 5 -19.21 -7.34 -1.15
CA GLN B 5 -19.57 -6.18 -0.35
C GLN B 5 -21.08 -6.13 -0.23
N SER B 6 -21.59 -6.11 1.00
CA SER B 6 -23.02 -6.12 1.28
C SER B 6 -23.40 -4.96 2.18
N PRO B 7 -24.53 -4.29 1.89
CA PRO B 7 -25.41 -4.54 0.75
C PRO B 7 -24.99 -3.76 -0.49
N THR B 8 -25.84 -3.76 -1.52
CA THR B 8 -25.55 -3.07 -2.77
C THR B 8 -26.07 -1.65 -2.78
N HIS B 9 -27.37 -1.46 -2.48
CA HIS B 9 -27.99 -0.15 -2.42
C HIS B 9 -28.74 -0.02 -1.11
N LEU B 10 -28.72 1.19 -0.54
CA LEU B 10 -29.30 1.41 0.77
C LEU B 10 -29.83 2.83 0.88
N ILE B 11 -30.99 2.98 1.50
CA ILE B 11 -31.65 4.27 1.70
C ILE B 11 -31.88 4.44 3.19
N LYS B 12 -31.39 5.55 3.74
CA LYS B 12 -31.58 5.86 5.14
C LYS B 12 -31.94 7.34 5.29
N THR B 13 -32.50 7.68 6.45
CA THR B 13 -32.88 9.04 6.74
C THR B 13 -31.71 9.80 7.38
N ARG B 14 -31.88 11.12 7.47
CA ARG B 14 -30.83 11.99 7.98
C ARG B 14 -30.69 11.82 9.49
N GLY B 15 -29.55 11.28 9.92
CA GLY B 15 -29.29 11.09 11.32
C GLY B 15 -29.53 9.68 11.82
N GLN B 16 -28.95 8.69 11.14
CA GLN B 16 -29.12 7.30 11.55
C GLN B 16 -27.80 6.55 11.61
N GLN B 17 -27.87 5.24 11.78
CA GLN B 17 -26.70 4.38 11.87
C GLN B 17 -26.73 3.37 10.73
N VAL B 18 -25.61 3.25 10.02
CA VAL B 18 -25.45 2.30 8.93
C VAL B 18 -24.22 1.45 9.19
N THR B 19 -24.26 0.22 8.71
CA THR B 19 -23.16 -0.73 8.89
C THR B 19 -22.96 -1.48 7.57
N LEU B 20 -21.94 -1.08 6.82
CA LEU B 20 -21.60 -1.74 5.58
C LEU B 20 -20.56 -2.82 5.84
N ARG B 21 -20.75 -3.98 5.19
CA ARG B 21 -19.89 -5.12 5.40
C ARG B 21 -19.15 -5.49 4.11
N CYS B 22 -18.03 -6.17 4.27
CA CYS B 22 -17.14 -6.50 3.17
C CYS B 22 -16.39 -7.78 3.51
N SER B 23 -16.09 -8.57 2.47
CA SER B 23 -15.34 -9.81 2.63
C SER B 23 -14.06 -9.73 1.80
N SER B 24 -12.95 -10.10 2.42
CA SER B 24 -11.64 -10.00 1.79
C SER B 24 -11.31 -11.28 1.01
N GLN B 25 -10.30 -11.17 0.15
CA GLN B 25 -9.85 -12.33 -0.60
C GLN B 25 -9.12 -13.31 0.33
N SER B 26 -8.81 -14.48 -0.22
CA SER B 26 -8.22 -15.53 0.60
C SER B 26 -6.81 -15.20 1.05
N GLY B 27 -6.05 -14.46 0.23
CA GLY B 27 -4.68 -14.15 0.53
C GLY B 27 -4.40 -12.75 1.06
N HIS B 28 -5.44 -11.98 1.38
CA HIS B 28 -5.27 -10.59 1.77
C HIS B 28 -5.51 -10.39 3.26
N ASN B 29 -4.90 -9.34 3.81
CA ASN B 29 -4.90 -9.07 5.24
C ASN B 29 -5.28 -7.65 5.61
N THR B 30 -5.43 -6.74 4.65
CA THR B 30 -5.81 -5.37 4.92
C THR B 30 -7.13 -5.05 4.24
N VAL B 31 -7.85 -4.06 4.79
CA VAL B 31 -9.09 -3.56 4.22
C VAL B 31 -9.04 -2.04 4.23
N SER B 32 -9.26 -1.43 3.08
CA SER B 32 -9.28 0.02 2.94
C SER B 32 -10.62 0.45 2.37
N TRP B 33 -11.28 1.37 3.05
CA TRP B 33 -12.60 1.85 2.65
C TRP B 33 -12.48 3.23 1.99
N TYR B 34 -13.26 3.44 0.94
CA TYR B 34 -13.22 4.67 0.19
C TYR B 34 -14.62 5.22 0.01
N GLN B 35 -14.70 6.52 -0.29
CA GLN B 35 -15.95 7.21 -0.52
C GLN B 35 -15.83 8.02 -1.79
N GLN B 36 -16.64 7.72 -2.79
CA GLN B 36 -16.59 8.37 -4.09
C GLN B 36 -17.82 9.21 -4.30
N ALA B 37 -17.64 10.52 -4.45
CA ALA B 37 -18.73 11.39 -4.84
C ALA B 37 -19.01 11.23 -6.33
N LEU B 38 -20.09 11.86 -6.79
CA LEU B 38 -20.49 11.71 -8.18
C LEU B 38 -19.47 12.31 -9.15
N GLY B 39 -18.77 13.37 -8.73
CA GLY B 39 -17.80 14.01 -9.60
C GLY B 39 -16.37 13.70 -9.22
N GLN B 40 -16.11 13.54 -7.93
CA GLN B 40 -14.76 13.30 -7.44
C GLN B 40 -14.40 11.82 -7.55
N GLY B 41 -13.12 11.54 -7.33
CA GLY B 41 -12.63 10.18 -7.27
C GLY B 41 -12.77 9.60 -5.87
N PRO B 42 -12.45 8.32 -5.74
CA PRO B 42 -12.58 7.67 -4.41
C PRO B 42 -11.65 8.30 -3.39
N GLN B 43 -12.24 8.90 -2.37
CA GLN B 43 -11.50 9.49 -1.27
C GLN B 43 -11.26 8.44 -0.19
N PHE B 44 -10.07 8.50 0.43
CA PHE B 44 -9.58 7.44 1.29
C PHE B 44 -10.09 7.65 2.72
N ILE B 45 -10.97 6.76 3.17
CA ILE B 45 -11.28 6.65 4.60
C ILE B 45 -10.22 5.74 5.21
N PHE B 46 -10.38 5.41 6.49
CA PHE B 46 -9.39 4.63 7.24
C PHE B 46 -9.02 3.31 6.56
N GLN B 47 -7.88 2.75 6.96
CA GLN B 47 -7.47 1.40 6.60
C GLN B 47 -7.20 0.62 7.87
N TYR B 48 -7.68 -0.62 7.91
CA TYR B 48 -7.54 -1.48 9.08
C TYR B 48 -6.52 -2.59 8.82
N TYR B 49 -5.87 -3.04 9.90
CA TYR B 49 -4.86 -4.09 9.84
C TYR B 49 -4.96 -4.93 11.09
N ARG B 50 -5.37 -6.19 10.95
CA ARG B 50 -5.39 -7.16 12.05
C ARG B 50 -6.13 -6.61 13.27
N GLU B 51 -7.32 -6.07 13.03
CA GLU B 51 -8.26 -5.57 14.04
C GLU B 51 -7.76 -4.32 14.76
N GLU B 52 -6.71 -3.67 14.26
CA GLU B 52 -6.25 -2.39 14.80
C GLU B 52 -6.08 -1.42 13.65
N GLU B 53 -6.69 -0.24 13.78
CA GLU B 53 -6.70 0.73 12.70
C GLU B 53 -5.27 1.09 12.29
N ASN B 54 -5.02 1.09 10.98
CA ASN B 54 -3.71 1.37 10.45
C ASN B 54 -3.49 2.87 10.21
N GLY B 55 -4.49 3.55 9.65
CA GLY B 55 -4.42 4.97 9.41
C GLY B 55 -5.63 5.51 8.70
N ARG B 56 -6.05 6.72 9.04
CA ARG B 56 -7.27 7.31 8.50
C ARG B 56 -6.94 8.69 7.93
N GLY B 57 -7.78 9.13 6.99
CA GLY B 57 -7.54 10.38 6.31
C GLY B 57 -8.75 11.24 6.03
N ASN B 58 -8.79 12.41 6.66
CA ASN B 58 -9.74 13.48 6.32
C ASN B 58 -11.19 13.02 6.49
N PHE B 59 -11.49 12.43 7.65
CA PHE B 59 -12.87 12.03 7.92
C PHE B 59 -13.15 12.13 9.41
N PRO B 60 -14.38 12.46 9.79
CA PRO B 60 -14.71 12.72 11.19
C PRO B 60 -14.69 11.44 12.01
N PRO B 61 -14.74 11.53 13.35
CA PRO B 61 -14.73 10.30 14.16
C PRO B 61 -15.98 9.46 14.02
N ARG B 62 -17.09 10.01 13.53
CA ARG B 62 -18.31 9.24 13.38
C ARG B 62 -18.13 8.10 12.39
N PHE B 63 -17.40 8.35 11.31
CA PHE B 63 -16.94 7.27 10.45
C PHE B 63 -16.04 6.34 11.27
N SER B 64 -16.53 5.14 11.55
CA SER B 64 -15.79 4.18 12.36
C SER B 64 -15.63 2.88 11.56
N GLY B 65 -14.87 1.95 12.13
CA GLY B 65 -14.64 0.70 11.45
C GLY B 65 -14.22 -0.38 12.42
N LEU B 66 -14.18 -1.61 11.89
CA LEU B 66 -13.82 -2.77 12.69
C LEU B 66 -13.45 -3.90 11.74
N GLN B 67 -12.45 -4.69 12.13
CA GLN B 67 -12.00 -5.83 11.35
C GLN B 67 -12.03 -7.08 12.21
N PHE B 68 -12.57 -8.17 11.66
CA PHE B 68 -12.73 -9.46 12.31
C PHE B 68 -11.59 -10.41 11.91
N PRO B 69 -11.26 -11.38 12.75
CA PRO B 69 -10.12 -12.26 12.45
C PRO B 69 -10.30 -13.09 11.19
N ASN B 70 -11.54 -13.39 10.78
CA ASN B 70 -11.80 -14.08 9.53
C ASN B 70 -11.79 -13.15 8.32
N TYR B 71 -11.03 -12.05 8.38
CA TYR B 71 -10.83 -11.14 7.27
C TYR B 71 -12.14 -10.48 6.84
N SER B 72 -13.10 -10.38 7.75
CA SER B 72 -14.35 -9.65 7.52
C SER B 72 -14.25 -8.28 8.17
N SER B 73 -14.78 -7.27 7.48
CA SER B 73 -14.65 -5.88 7.91
C SER B 73 -16.02 -5.23 7.94
N GLU B 74 -16.09 -4.09 8.63
CA GLU B 74 -17.30 -3.29 8.73
C GLU B 74 -16.96 -1.82 8.57
N LEU B 75 -18.01 -0.99 8.49
CA LEU B 75 -17.89 0.46 8.38
C LEU B 75 -19.07 1.07 9.13
N ASN B 76 -18.94 1.15 10.46
CA ASN B 76 -20.00 1.69 11.31
C ASN B 76 -19.94 3.21 11.23
N VAL B 77 -20.91 3.82 10.55
CA VAL B 77 -20.98 5.27 10.38
C VAL B 77 -22.18 5.78 11.18
N ASN B 78 -21.95 6.83 11.97
CA ASN B 78 -22.98 7.42 12.81
C ASN B 78 -23.36 8.80 12.32
N ALA B 79 -24.51 9.27 12.78
CA ALA B 79 -24.99 10.64 12.60
C ALA B 79 -24.91 11.07 11.14
N LEU B 80 -25.68 10.36 10.31
CA LEU B 80 -25.65 10.57 8.87
C LEU B 80 -26.09 11.99 8.52
N GLU B 81 -25.61 12.45 7.36
CA GLU B 81 -26.02 13.72 6.78
C GLU B 81 -26.36 13.49 5.31
N LEU B 82 -26.97 14.51 4.70
CA LEU B 82 -27.36 14.43 3.30
C LEU B 82 -26.16 14.35 2.36
N ASP B 83 -25.01 14.86 2.77
CA ASP B 83 -23.81 14.80 1.93
C ASP B 83 -23.06 13.48 2.08
N ASP B 84 -23.43 12.63 3.03
CA ASP B 84 -22.83 11.32 3.16
C ASP B 84 -23.37 10.32 2.13
N SER B 85 -24.25 10.76 1.24
CA SER B 85 -24.74 9.91 0.16
C SER B 85 -23.67 9.85 -0.92
N ALA B 86 -23.03 8.68 -1.04
CA ALA B 86 -21.97 8.49 -2.02
C ALA B 86 -21.79 6.99 -2.25
N LEU B 87 -20.86 6.65 -3.13
CA LEU B 87 -20.52 5.25 -3.40
C LEU B 87 -19.37 4.84 -2.48
N TYR B 88 -19.60 3.85 -1.64
CA TYR B 88 -18.62 3.38 -0.68
C TYR B 88 -17.99 2.10 -1.19
N LEU B 89 -16.68 2.16 -1.49
CA LEU B 89 -15.95 1.05 -2.06
C LEU B 89 -15.06 0.41 -1.00
N CYS B 90 -14.85 -0.89 -1.15
CA CYS B 90 -14.02 -1.67 -0.24
C CYS B 90 -12.81 -2.20 -0.99
N ALA B 91 -11.63 -2.09 -0.38
CA ALA B 91 -10.38 -2.54 -0.97
C ALA B 91 -9.74 -3.59 -0.07
N SER B 92 -8.74 -4.29 -0.63
CA SER B 92 -8.05 -5.34 0.11
C SER B 92 -6.63 -5.48 -0.43
N SER B 93 -5.71 -5.80 0.47
CA SER B 93 -4.31 -6.05 0.14
C SER B 93 -3.72 -6.89 1.25
N PHE B 94 -2.40 -7.17 1.17
CA PHE B 94 -1.77 -8.05 2.14
C PHE B 94 -0.40 -7.53 2.57
N ARG B 95 -0.25 -6.21 2.67
CA ARG B 95 0.96 -5.56 3.16
C ARG B 95 2.19 -5.81 2.30
N GLY B 96 2.03 -6.44 1.14
CA GLY B 96 3.14 -6.65 0.24
C GLY B 96 3.20 -5.58 -0.83
N GLY B 97 3.04 -5.99 -2.08
CA GLY B 97 2.88 -5.03 -3.15
C GLY B 97 1.61 -4.23 -2.93
N LYS B 98 1.74 -2.90 -2.91
CA LYS B 98 0.58 -2.03 -2.67
C LYS B 98 -0.37 -2.06 -3.86
N THR B 99 -1.22 -3.07 -3.95
CA THR B 99 -2.27 -3.14 -4.96
C THR B 99 -3.62 -3.29 -4.26
N GLN B 100 -4.58 -2.44 -4.62
CA GLN B 100 -5.88 -2.42 -3.97
C GLN B 100 -6.92 -3.01 -4.92
N TYR B 101 -7.49 -4.15 -4.55
CA TYR B 101 -8.54 -4.78 -5.33
C TYR B 101 -9.88 -4.33 -4.78
N PHE B 102 -10.55 -3.48 -5.55
CA PHE B 102 -11.79 -2.86 -5.09
C PHE B 102 -12.96 -3.84 -5.20
N GLY B 103 -13.98 -3.59 -4.38
CA GLY B 103 -15.18 -4.39 -4.38
C GLY B 103 -16.24 -3.78 -5.27
N PRO B 104 -17.42 -4.41 -5.30
CA PRO B 104 -18.51 -3.89 -6.15
C PRO B 104 -19.02 -2.54 -5.70
N GLY B 105 -18.84 -2.16 -4.44
CA GLY B 105 -19.30 -0.88 -3.95
C GLY B 105 -20.68 -0.95 -3.33
N THR B 106 -21.06 0.16 -2.71
CA THR B 106 -22.37 0.27 -2.06
C THR B 106 -22.91 1.67 -2.30
N ARG B 107 -24.05 1.75 -2.99
CA ARG B 107 -24.70 3.03 -3.28
C ARG B 107 -25.55 3.42 -2.08
N LEU B 108 -25.06 4.37 -1.29
CA LEU B 108 -25.78 4.86 -0.13
C LEU B 108 -26.45 6.19 -0.45
N LEU B 109 -27.69 6.34 -0.01
CA LEU B 109 -28.43 7.58 -0.20
C LEU B 109 -29.11 7.97 1.10
N VAL B 110 -28.92 9.23 1.51
CA VAL B 110 -29.52 9.77 2.73
C VAL B 110 -30.54 10.82 2.32
N LEU B 111 -31.75 10.71 2.85
CA LEU B 111 -32.83 11.63 2.56
C LEU B 111 -33.34 12.26 3.84
N GLU B 112 -34.00 13.41 3.70
CA GLU B 112 -34.62 14.06 4.85
C GLU B 112 -35.87 13.31 5.28
N ASP B 113 -36.72 12.93 4.33
CA ASP B 113 -37.94 12.18 4.60
C ASP B 113 -38.14 11.17 3.49
N LEU B 114 -38.89 10.11 3.81
CA LEU B 114 -39.16 9.02 2.86
C LEU B 114 -40.56 9.09 2.29
N LYS B 115 -41.19 10.26 2.29
CA LYS B 115 -42.54 10.41 1.77
C LYS B 115 -42.57 10.61 0.25
N ASN B 116 -41.42 10.73 -0.40
CA ASN B 116 -41.35 10.96 -1.83
C ASN B 116 -40.92 9.71 -2.61
N VAL B 117 -40.58 8.62 -1.93
CA VAL B 117 -40.11 7.43 -2.62
C VAL B 117 -41.28 6.76 -3.33
N PHE B 118 -41.08 6.43 -4.61
CA PHE B 118 -42.11 5.82 -5.43
C PHE B 118 -41.48 4.83 -6.41
N PRO B 119 -42.11 3.68 -6.63
CA PRO B 119 -41.62 2.75 -7.65
C PRO B 119 -41.99 3.24 -9.04
N PRO B 120 -41.34 2.72 -10.09
CA PRO B 120 -41.60 3.20 -11.45
C PRO B 120 -42.78 2.51 -12.11
N GLU B 121 -43.28 3.16 -13.15
CA GLU B 121 -44.32 2.62 -14.01
C GLU B 121 -43.68 2.28 -15.36
N VAL B 122 -43.50 0.97 -15.60
CA VAL B 122 -42.80 0.49 -16.79
C VAL B 122 -43.82 0.14 -17.85
N ALA B 123 -43.51 0.47 -19.10
CA ALA B 123 -44.37 0.15 -20.23
C ALA B 123 -43.54 0.14 -21.51
N VAL B 124 -43.63 -0.96 -22.27
CA VAL B 124 -42.89 -1.09 -23.51
C VAL B 124 -43.73 -0.58 -24.67
N PHE B 125 -43.10 -0.39 -25.83
CA PHE B 125 -43.79 0.14 -27.00
C PHE B 125 -43.34 -0.62 -28.24
N GLU B 126 -44.31 -1.11 -29.00
CA GLU B 126 -44.01 -1.89 -30.18
C GLU B 126 -43.40 -1.00 -31.27
N PRO B 127 -42.56 -1.57 -32.14
CA PRO B 127 -41.95 -0.78 -33.21
C PRO B 127 -42.99 -0.27 -34.20
N SER B 128 -42.58 0.71 -34.99
CA SER B 128 -43.45 1.30 -36.00
C SER B 128 -43.48 0.44 -37.25
N GLU B 129 -44.67 0.33 -37.85
CA GLU B 129 -44.81 -0.42 -39.10
C GLU B 129 -44.05 0.26 -40.24
N ALA B 130 -43.92 1.59 -40.18
CA ALA B 130 -43.15 2.30 -41.19
C ALA B 130 -41.65 2.13 -40.98
N GLU B 131 -41.22 1.87 -39.75
CA GLU B 131 -39.80 1.61 -39.50
C GLU B 131 -39.36 0.29 -40.10
N ILE B 132 -40.26 -0.70 -40.13
CA ILE B 132 -39.95 -1.99 -40.75
C ILE B 132 -39.64 -1.82 -42.23
N SER B 133 -40.32 -0.88 -42.89
CA SER B 133 -40.09 -0.65 -44.31
C SER B 133 -38.84 0.18 -44.56
N HIS B 134 -38.48 1.06 -43.64
CA HIS B 134 -37.42 2.01 -43.90
C HIS B 134 -36.04 1.41 -43.60
N THR B 135 -35.87 0.86 -42.40
CA THR B 135 -34.58 0.36 -41.96
C THR B 135 -34.48 -1.16 -41.92
N GLN B 136 -35.59 -1.87 -42.14
CA GLN B 136 -35.69 -3.32 -41.97
C GLN B 136 -35.35 -3.77 -40.55
N LYS B 137 -35.34 -2.85 -39.60
CA LYS B 137 -35.07 -3.14 -38.19
C LYS B 137 -36.33 -2.92 -37.37
N ALA B 138 -36.30 -3.39 -36.13
CA ALA B 138 -37.39 -3.20 -35.18
C ALA B 138 -36.82 -2.65 -33.89
N THR B 139 -37.31 -1.50 -33.47
CA THR B 139 -36.82 -0.82 -32.26
C THR B 139 -37.90 -0.90 -31.18
N LEU B 140 -37.55 -1.49 -30.05
CA LEU B 140 -38.42 -1.56 -28.89
C LEU B 140 -38.00 -0.50 -27.88
N VAL B 141 -38.95 0.34 -27.48
CA VAL B 141 -38.69 1.44 -26.56
C VAL B 141 -39.36 1.12 -25.22
N CYS B 142 -38.58 1.18 -24.14
CA CYS B 142 -39.08 0.98 -22.79
C CYS B 142 -39.04 2.29 -22.03
N LEU B 143 -39.99 2.47 -21.12
CA LEU B 143 -40.14 3.75 -20.43
C LEU B 143 -40.59 3.49 -18.99
N ALA B 144 -39.80 3.97 -18.03
CA ALA B 144 -40.14 3.89 -16.61
C ALA B 144 -40.24 5.30 -16.06
N THR B 145 -41.41 5.66 -15.55
CA THR B 145 -41.70 7.01 -15.10
C THR B 145 -42.15 7.02 -13.64
N GLY B 146 -42.23 8.22 -13.09
CA GLY B 146 -42.79 8.42 -11.76
C GLY B 146 -42.10 7.67 -10.65
N PHE B 147 -40.77 7.59 -10.68
CA PHE B 147 -40.03 6.89 -9.65
C PHE B 147 -39.00 7.81 -9.01
N TYR B 148 -38.71 7.54 -7.73
CA TYR B 148 -37.80 8.26 -6.89
C TYR B 148 -37.29 7.20 -5.92
N PRO B 149 -35.99 7.10 -5.67
CA PRO B 149 -34.88 7.94 -6.13
C PRO B 149 -34.26 7.58 -7.49
N ASP B 150 -32.95 7.82 -7.61
CA ASP B 150 -32.35 7.96 -8.92
C ASP B 150 -31.87 6.63 -9.49
N HIS B 151 -31.16 5.85 -8.69
CA HIS B 151 -30.49 4.66 -9.20
C HIS B 151 -31.51 3.57 -9.54
N VAL B 152 -31.50 3.14 -10.80
CA VAL B 152 -32.31 2.03 -11.29
C VAL B 152 -31.51 1.32 -12.37
N GLU B 153 -31.60 -0.01 -12.39
CA GLU B 153 -30.89 -0.84 -13.36
C GLU B 153 -31.89 -1.42 -14.34
N LEU B 154 -31.68 -1.14 -15.63
CA LEU B 154 -32.63 -1.46 -16.69
C LEU B 154 -31.99 -2.50 -17.61
N SER B 155 -32.48 -3.72 -17.55
CA SER B 155 -31.96 -4.83 -18.34
C SER B 155 -33.01 -5.32 -19.32
N TRP B 156 -32.56 -5.78 -20.48
CA TRP B 156 -33.43 -6.32 -21.52
C TRP B 156 -33.28 -7.83 -21.56
N TRP B 157 -34.40 -8.54 -21.53
CA TRP B 157 -34.42 -9.99 -21.58
C TRP B 157 -35.18 -10.43 -22.82
N VAL B 158 -34.51 -11.17 -23.69
CA VAL B 158 -35.11 -11.70 -24.91
C VAL B 158 -34.95 -13.21 -24.89
N ASN B 159 -36.08 -13.92 -24.93
CA ASN B 159 -36.09 -15.38 -24.88
C ASN B 159 -35.34 -15.90 -23.66
N GLY B 160 -35.59 -15.28 -22.51
CA GLY B 160 -34.98 -15.71 -21.28
C GLY B 160 -33.47 -15.55 -21.21
N LYS B 161 -32.88 -14.76 -22.09
CA LYS B 161 -31.44 -14.52 -22.10
C LYS B 161 -31.19 -13.02 -22.04
N GLU B 162 -30.46 -12.58 -21.02
CA GLU B 162 -30.15 -11.16 -20.86
C GLU B 162 -29.24 -10.73 -22.01
N VAL B 163 -29.81 -10.02 -22.97
CA VAL B 163 -29.07 -9.61 -24.16
C VAL B 163 -28.44 -8.24 -23.91
N HIS B 164 -27.24 -8.06 -24.46
CA HIS B 164 -26.55 -6.78 -24.38
C HIS B 164 -26.36 -6.11 -25.73
N SER B 165 -26.41 -6.87 -26.82
CA SER B 165 -26.28 -6.29 -28.15
C SER B 165 -27.58 -5.61 -28.56
N GLY B 166 -27.47 -4.46 -29.21
CA GLY B 166 -28.65 -3.73 -29.62
C GLY B 166 -29.36 -2.99 -28.52
N VAL B 167 -28.74 -2.85 -27.36
CA VAL B 167 -29.33 -2.16 -26.21
C VAL B 167 -28.59 -0.84 -26.01
N CYS B 168 -29.35 0.21 -25.69
CA CYS B 168 -28.76 1.47 -25.28
C CYS B 168 -29.74 2.19 -24.37
N THR B 169 -29.21 2.85 -23.34
CA THR B 169 -30.01 3.52 -22.34
C THR B 169 -29.47 4.92 -22.13
N ASP B 170 -30.34 5.82 -21.65
CA ASP B 170 -29.93 7.17 -21.35
C ASP B 170 -28.91 7.16 -20.21
N PRO B 171 -27.91 8.07 -20.24
CA PRO B 171 -26.91 8.07 -19.15
C PRO B 171 -27.51 8.32 -17.79
N GLN B 172 -28.42 9.29 -17.67
CA GLN B 172 -29.08 9.58 -16.41
C GLN B 172 -30.56 9.85 -16.68
N PRO B 173 -31.44 9.54 -15.72
CA PRO B 173 -32.87 9.80 -15.93
C PRO B 173 -33.19 11.28 -16.02
N LEU B 174 -34.47 11.60 -16.22
CA LEU B 174 -34.93 12.96 -16.47
C LEU B 174 -35.87 13.40 -15.36
N LYS B 175 -35.61 14.59 -14.81
CA LYS B 175 -36.55 15.20 -13.89
C LYS B 175 -37.81 15.61 -14.64
N GLU B 176 -38.97 15.19 -14.13
CA GLU B 176 -40.22 15.46 -14.83
C GLU B 176 -40.48 16.96 -14.94
N GLN B 177 -40.26 17.71 -13.86
CA GLN B 177 -40.27 19.16 -13.90
C GLN B 177 -39.05 19.67 -13.15
N PRO B 178 -38.18 20.46 -13.78
CA PRO B 178 -36.97 20.93 -13.09
C PRO B 178 -37.23 21.99 -12.03
N ALA B 179 -38.47 22.46 -11.87
CA ALA B 179 -38.77 23.48 -10.88
C ALA B 179 -38.75 22.96 -9.46
N LEU B 180 -39.05 21.68 -9.27
CA LEU B 180 -39.20 21.10 -7.93
C LEU B 180 -37.96 20.30 -7.56
N ASN B 181 -37.54 20.44 -6.30
CA ASN B 181 -36.36 19.72 -5.83
C ASN B 181 -36.62 18.23 -5.68
N ASP B 182 -37.84 17.86 -5.28
CA ASP B 182 -38.22 16.47 -5.06
C ASP B 182 -38.92 15.85 -6.27
N SER B 183 -38.69 16.40 -7.46
CA SER B 183 -39.38 15.92 -8.65
C SER B 183 -39.05 14.45 -8.91
N ARG B 184 -40.05 13.74 -9.43
CA ARG B 184 -39.88 12.34 -9.78
C ARG B 184 -39.02 12.22 -11.04
N TYR B 185 -38.51 11.02 -11.28
CA TYR B 185 -37.58 10.77 -12.38
C TYR B 185 -38.23 9.90 -13.45
N ALA B 186 -37.52 9.77 -14.57
CA ALA B 186 -37.99 8.98 -15.70
C ALA B 186 -36.79 8.55 -16.53
N LEU B 187 -36.70 7.25 -16.80
CA LEU B 187 -35.61 6.67 -17.58
C LEU B 187 -36.18 5.90 -18.76
N SER B 188 -35.40 5.83 -19.84
CA SER B 188 -35.84 5.16 -21.06
C SER B 188 -34.67 4.39 -21.67
N SER B 189 -34.98 3.22 -22.22
CA SER B 189 -34.00 2.39 -22.89
C SER B 189 -34.58 1.86 -24.20
N ARG B 190 -33.69 1.47 -25.11
CA ARG B 190 -34.10 1.00 -26.43
C ARG B 190 -33.45 -0.36 -26.72
N LEU B 191 -34.15 -1.14 -27.54
CA LEU B 191 -33.64 -2.43 -28.00
C LEU B 191 -33.94 -2.56 -29.48
N ARG B 192 -32.90 -2.79 -30.28
CA ARG B 192 -33.02 -2.90 -31.73
C ARG B 192 -32.68 -4.33 -32.15
N VAL B 193 -33.54 -4.90 -32.99
CA VAL B 193 -33.37 -6.27 -33.49
C VAL B 193 -33.89 -6.31 -34.92
N SER B 194 -33.55 -7.37 -35.64
CA SER B 194 -33.99 -7.52 -37.02
C SER B 194 -35.51 -7.66 -37.09
N ALA B 195 -36.07 -7.22 -38.22
CA ALA B 195 -37.53 -7.23 -38.37
C ALA B 195 -38.08 -8.65 -38.39
N THR B 196 -37.39 -9.56 -39.10
CA THR B 196 -37.86 -10.95 -39.16
C THR B 196 -37.87 -11.58 -37.77
N PHE B 197 -36.91 -11.21 -36.92
CA PHE B 197 -36.90 -11.72 -35.56
C PHE B 197 -38.06 -11.15 -34.74
N TRP B 198 -38.53 -9.93 -35.08
CA TRP B 198 -39.67 -9.36 -34.37
C TRP B 198 -40.98 -9.85 -34.96
N GLN B 199 -41.04 -10.05 -36.29
CA GLN B 199 -42.27 -10.52 -36.92
C GLN B 199 -42.58 -11.98 -36.60
N ASN B 200 -41.70 -12.67 -35.89
CA ASN B 200 -41.97 -14.03 -35.45
C ASN B 200 -42.87 -13.98 -34.21
N PRO B 201 -44.05 -14.62 -34.25
CA PRO B 201 -44.94 -14.58 -33.08
C PRO B 201 -44.52 -15.48 -31.94
N ARG B 202 -43.42 -16.22 -32.07
CA ARG B 202 -42.94 -17.10 -31.01
C ARG B 202 -41.75 -16.51 -30.27
N ASN B 203 -41.44 -15.23 -30.48
CA ASN B 203 -40.35 -14.55 -29.80
C ASN B 203 -40.93 -13.45 -28.92
N HIS B 204 -40.51 -13.44 -27.65
CA HIS B 204 -40.99 -12.47 -26.68
C HIS B 204 -39.84 -11.59 -26.21
N PHE B 205 -40.18 -10.40 -25.73
CA PHE B 205 -39.21 -9.44 -25.26
C PHE B 205 -39.70 -8.83 -23.95
N ARG B 206 -38.79 -8.69 -22.99
CA ARG B 206 -39.12 -8.17 -21.67
C ARG B 206 -38.12 -7.09 -21.26
N CYS B 207 -38.64 -6.04 -20.65
CA CYS B 207 -37.84 -4.93 -20.15
C CYS B 207 -37.86 -4.94 -18.63
N GLN B 208 -36.84 -5.54 -18.02
CA GLN B 208 -36.75 -5.56 -16.57
C GLN B 208 -36.20 -4.24 -16.06
N VAL B 209 -36.78 -3.75 -14.96
CA VAL B 209 -36.35 -2.52 -14.32
C VAL B 209 -36.21 -2.80 -12.83
N GLN B 210 -34.98 -2.87 -12.35
CA GLN B 210 -34.70 -3.09 -10.94
C GLN B 210 -34.72 -1.75 -10.21
N PHE B 211 -35.57 -1.64 -9.19
CA PHE B 211 -35.73 -0.41 -8.42
C PHE B 211 -35.27 -0.64 -6.99
N TYR B 212 -34.39 0.23 -6.50
CA TYR B 212 -33.86 0.13 -5.15
C TYR B 212 -34.54 1.18 -4.28
N GLY B 213 -35.40 0.71 -3.38
CA GLY B 213 -36.14 1.61 -2.51
C GLY B 213 -35.94 1.31 -1.04
N LEU B 214 -37.04 1.18 -0.31
CA LEU B 214 -36.97 0.94 1.13
C LEU B 214 -36.78 -0.54 1.41
N SER B 215 -36.42 -0.84 2.66
CA SER B 215 -36.23 -2.21 3.11
C SER B 215 -37.34 -2.58 4.11
N GLU B 216 -37.33 -3.85 4.51
CA GLU B 216 -38.32 -4.33 5.48
C GLU B 216 -38.22 -3.59 6.80
N ASN B 217 -36.99 -3.31 7.25
CA ASN B 217 -36.80 -2.72 8.57
C ASN B 217 -37.44 -1.35 8.69
N ASP B 218 -37.31 -0.53 7.65
CA ASP B 218 -37.84 0.83 7.70
C ASP B 218 -39.37 0.81 7.81
N GLU B 219 -39.90 1.70 8.63
CA GLU B 219 -41.33 1.72 8.91
C GLU B 219 -42.07 2.63 7.94
N TRP B 220 -43.30 2.26 7.63
CA TRP B 220 -44.16 3.00 6.71
C TRP B 220 -45.46 3.35 7.43
N THR B 221 -45.92 4.59 7.23
CA THR B 221 -47.15 5.06 7.86
C THR B 221 -48.08 5.77 6.89
N GLN B 222 -47.82 5.71 5.59
CA GLN B 222 -48.69 6.34 4.61
C GLN B 222 -49.82 5.40 4.19
N ASP B 223 -50.80 5.96 3.51
CA ASP B 223 -51.96 5.17 3.09
C ASP B 223 -51.58 4.16 2.01
N ARG B 224 -50.71 4.55 1.09
CA ARG B 224 -50.29 3.66 0.02
C ARG B 224 -49.28 2.64 0.54
N ALA B 225 -48.99 1.64 -0.30
CA ALA B 225 -48.12 0.56 0.10
C ALA B 225 -46.66 1.02 0.19
N LYS B 226 -45.89 0.27 0.97
CA LYS B 226 -44.48 0.58 1.14
C LYS B 226 -43.74 0.41 -0.18
N PRO B 227 -43.01 1.44 -0.64
CA PRO B 227 -42.24 1.32 -1.90
C PRO B 227 -40.92 0.58 -1.70
N VAL B 228 -41.03 -0.74 -1.50
CA VAL B 228 -39.88 -1.57 -1.19
C VAL B 228 -39.09 -1.87 -2.46
N THR B 229 -37.91 -2.46 -2.32
CA THR B 229 -37.11 -2.86 -3.48
C THR B 229 -37.84 -3.96 -4.25
N GLN B 230 -38.17 -3.69 -5.51
CA GLN B 230 -38.94 -4.61 -6.32
C GLN B 230 -38.52 -4.49 -7.77
N ILE B 231 -38.85 -5.51 -8.56
CA ILE B 231 -38.60 -5.54 -9.99
C ILE B 231 -39.93 -5.34 -10.70
N VAL B 232 -40.00 -4.32 -11.55
CA VAL B 232 -41.19 -4.03 -12.35
C VAL B 232 -40.80 -4.16 -13.81
N SER B 233 -41.40 -5.11 -14.51
CA SER B 233 -41.05 -5.42 -15.89
C SER B 233 -42.27 -5.27 -16.78
N ALA B 234 -42.01 -5.27 -18.09
CA ALA B 234 -43.05 -5.19 -19.10
C ALA B 234 -42.65 -6.08 -20.28
N GLU B 235 -43.61 -6.85 -20.77
CA GLU B 235 -43.35 -7.86 -21.80
C GLU B 235 -44.17 -7.57 -23.05
N ALA B 236 -43.63 -8.02 -24.19
CA ALA B 236 -44.29 -7.85 -25.49
C ALA B 236 -43.90 -9.00 -26.39
N TRP B 237 -44.86 -9.51 -27.15
CA TRP B 237 -44.66 -10.63 -28.05
C TRP B 237 -44.58 -10.15 -29.50
N GLY B 238 -44.15 -11.06 -30.37
CA GLY B 238 -44.00 -10.71 -31.76
C GLY B 238 -45.32 -10.61 -32.49
N ARG B 239 -45.31 -9.83 -33.57
CA ARG B 239 -46.50 -9.61 -34.37
C ARG B 239 -46.10 -9.47 -35.83
N ALA B 240 -46.98 -9.93 -36.72
CA ALA B 240 -46.72 -9.87 -38.15
C ALA B 240 -47.67 -8.94 -38.91
N ASP B 241 -48.77 -8.52 -38.29
CA ASP B 241 -49.74 -7.61 -38.90
C ASP B 241 -50.24 -8.14 -40.25
N GLY C 1 32.13 10.40 -0.29
CA GLY C 1 33.20 9.59 0.25
C GLY C 1 32.90 8.11 0.22
N SER C 2 32.09 7.66 1.18
CA SER C 2 31.69 6.26 1.28
C SER C 2 30.43 6.19 2.11
N HIS C 3 29.62 5.15 1.87
CA HIS C 3 28.32 5.07 2.52
C HIS C 3 27.88 3.61 2.66
N SER C 4 27.07 3.38 3.69
CA SER C 4 26.44 2.09 3.95
C SER C 4 25.26 2.33 4.89
N MET C 5 24.21 1.52 4.72
CA MET C 5 23.04 1.63 5.59
C MET C 5 22.55 0.25 5.97
N ARG C 6 22.23 0.07 7.24
CA ARG C 6 21.73 -1.18 7.78
C ARG C 6 20.63 -0.89 8.80
N TYR C 7 19.67 -1.83 8.89
CA TYR C 7 18.62 -1.78 9.89
C TYR C 7 18.55 -3.14 10.57
N PHE C 8 18.60 -3.15 11.89
CA PHE C 8 18.64 -4.40 12.67
C PHE C 8 17.35 -4.51 13.47
N TYR C 9 16.42 -5.31 12.96
CA TYR C 9 15.19 -5.63 13.68
C TYR C 9 15.39 -6.89 14.51
N THR C 10 14.72 -6.93 15.66
CA THR C 10 14.82 -8.09 16.55
C THR C 10 13.49 -8.24 17.29
N ALA C 11 12.89 -9.42 17.17
CA ALA C 11 11.60 -9.71 17.80
C ALA C 11 11.70 -11.03 18.56
N MET C 12 11.57 -10.96 19.88
CA MET C 12 11.60 -12.13 20.74
C MET C 12 10.25 -12.28 21.45
N SER C 13 9.95 -13.51 21.84
CA SER C 13 8.68 -13.83 22.48
C SER C 13 8.90 -14.19 23.95
N ARG C 14 7.94 -13.81 24.80
CA ARG C 14 8.00 -14.09 26.23
C ARG C 14 6.64 -14.64 26.65
N PRO C 15 6.43 -15.94 26.49
CA PRO C 15 5.13 -16.52 26.86
C PRO C 15 4.85 -16.37 28.35
N GLY C 16 3.71 -15.78 28.67
CA GLY C 16 3.33 -15.52 30.04
C GLY C 16 3.86 -14.22 30.60
N ARG C 17 5.01 -13.75 30.11
CA ARG C 17 5.60 -12.51 30.56
C ARG C 17 5.10 -11.30 29.77
N GLY C 18 4.11 -11.48 28.92
CA GLY C 18 3.53 -10.38 28.16
C GLY C 18 3.61 -10.63 26.66
N GLU C 19 3.37 -9.56 25.91
CA GLU C 19 3.40 -9.63 24.46
C GLU C 19 4.84 -9.70 23.96
N PRO C 20 5.06 -10.16 22.72
CA PRO C 20 6.41 -10.18 22.17
C PRO C 20 7.03 -8.78 22.13
N ARG C 21 8.35 -8.75 22.17
CA ARG C 21 9.13 -7.51 22.24
C ARG C 21 9.86 -7.29 20.93
N PHE C 22 9.82 -6.05 20.43
CA PHE C 22 10.45 -5.68 19.17
C PHE C 22 11.48 -4.59 19.42
N ILE C 23 12.69 -4.78 18.87
CA ILE C 23 13.79 -3.85 19.02
C ILE C 23 14.36 -3.54 17.64
N ALA C 24 14.55 -2.26 17.36
CA ALA C 24 15.06 -1.83 16.06
C ALA C 24 16.12 -0.75 16.25
N VAL C 25 17.26 -0.92 15.58
CA VAL C 25 18.34 0.06 15.59
C VAL C 25 18.80 0.30 14.16
N GLY C 26 19.22 1.53 13.89
CA GLY C 26 19.66 1.93 12.57
C GLY C 26 21.14 2.26 12.56
N TYR C 27 21.78 2.07 11.40
CA TYR C 27 23.22 2.28 11.26
C TYR C 27 23.53 2.99 9.95
N VAL C 28 24.47 3.92 10.01
CA VAL C 28 25.15 4.45 8.83
C VAL C 28 26.64 4.21 9.05
N ASP C 29 27.26 3.48 8.12
CA ASP C 29 28.64 3.00 8.27
C ASP C 29 28.67 2.20 9.57
N ASP C 30 29.55 2.52 10.53
CA ASP C 30 29.61 1.85 11.81
C ASP C 30 29.06 2.73 12.95
N THR C 31 28.28 3.75 12.61
CA THR C 31 27.73 4.68 13.59
C THR C 31 26.23 4.43 13.74
N GLN C 32 25.84 3.87 14.89
CA GLN C 32 24.44 3.71 15.21
C GLN C 32 23.78 5.08 15.35
N PHE C 33 22.57 5.21 14.82
CA PHE C 33 21.88 6.50 14.85
C PHE C 33 20.38 6.41 15.11
N VAL C 34 19.80 5.21 15.22
CA VAL C 34 18.40 5.04 15.56
C VAL C 34 18.29 3.99 16.65
N ARG C 35 17.27 4.15 17.51
CA ARG C 35 17.03 3.23 18.61
C ARG C 35 15.53 3.20 18.89
N PHE C 36 14.97 1.99 19.00
CA PHE C 36 13.56 1.81 19.30
C PHE C 36 13.39 0.58 20.19
N ASP C 37 12.48 0.69 21.16
CA ASP C 37 12.17 -0.40 22.06
C ASP C 37 10.67 -0.45 22.28
N SER C 38 10.14 -1.67 22.38
CA SER C 38 8.71 -1.86 22.59
C SER C 38 8.32 -1.82 24.06
N ASP C 39 9.24 -2.12 24.97
CA ASP C 39 8.91 -2.26 26.38
C ASP C 39 8.84 -0.92 27.10
N ALA C 40 9.37 0.14 26.51
CA ALA C 40 9.30 1.46 27.14
C ALA C 40 7.86 1.93 27.19
N ALA C 41 7.44 2.47 28.34
CA ALA C 41 6.08 2.99 28.47
C ALA C 41 5.82 4.11 27.47
N SER C 42 6.86 4.88 27.12
CA SER C 42 6.79 5.88 26.07
C SER C 42 7.59 5.38 24.87
N PRO C 43 7.04 4.51 24.03
CA PRO C 43 7.83 3.92 22.94
C PRO C 43 7.91 4.86 21.75
N ARG C 44 9.06 5.52 21.60
CA ARG C 44 9.27 6.45 20.51
C ARG C 44 10.66 6.22 19.91
N THR C 45 10.77 6.54 18.62
CA THR C 45 12.06 6.44 17.92
C THR C 45 13.06 7.43 18.49
N GLU C 46 14.08 6.93 19.21
CA GLU C 46 15.09 7.80 19.78
C GLU C 46 16.31 7.89 18.89
N PRO C 47 16.96 9.05 18.83
CA PRO C 47 18.17 9.19 18.01
C PRO C 47 19.45 9.04 18.82
N ARG C 48 20.52 8.59 18.16
CA ARG C 48 21.81 8.42 18.83
C ARG C 48 22.94 9.13 18.06
N ALA C 49 22.61 10.07 17.18
CA ALA C 49 23.61 10.73 16.37
C ALA C 49 23.31 12.23 16.28
N PRO C 50 24.33 13.07 16.30
CA PRO C 50 24.08 14.52 16.27
C PRO C 50 23.51 15.02 14.96
N TRP C 51 23.84 14.39 13.83
CA TRP C 51 23.44 14.94 12.55
C TRP C 51 21.98 14.65 12.21
N ILE C 52 21.37 13.67 12.86
CA ILE C 52 19.98 13.36 12.52
C ILE C 52 19.00 14.21 13.32
N GLU C 53 19.40 14.70 14.50
CA GLU C 53 18.50 15.48 15.34
C GLU C 53 17.93 16.69 14.59
N GLN C 54 18.52 17.06 13.46
CA GLN C 54 18.03 18.15 12.64
C GLN C 54 16.66 17.85 12.03
N GLU C 55 16.29 16.58 11.88
CA GLU C 55 15.05 16.22 11.20
C GLU C 55 13.83 16.70 11.99
N GLY C 56 12.78 17.05 11.25
CA GLY C 56 11.59 17.61 11.84
C GLY C 56 10.72 16.57 12.50
N PRO C 57 9.65 17.04 13.13
CA PRO C 57 8.76 16.12 13.87
C PRO C 57 8.05 15.12 12.97
N GLU C 58 7.77 15.46 11.71
CA GLU C 58 7.11 14.51 10.81
C GLU C 58 8.00 13.29 10.55
N TYR C 59 9.31 13.47 10.57
CA TYR C 59 10.23 12.35 10.41
C TYR C 59 10.12 11.38 11.58
N TRP C 60 10.06 11.89 12.80
CA TRP C 60 10.07 11.03 13.98
C TRP C 60 8.71 10.37 14.23
N ASP C 61 7.61 11.07 13.93
CA ASP C 61 6.31 10.44 14.00
C ASP C 61 6.18 9.33 12.96
N ARG C 62 6.83 9.50 11.81
CA ARG C 62 6.82 8.47 10.77
C ARG C 62 7.55 7.22 11.22
N ASN C 63 8.77 7.39 11.74
CA ASN C 63 9.56 6.24 12.17
C ASN C 63 8.91 5.54 13.36
N THR C 64 8.20 6.28 14.20
CA THR C 64 7.56 5.66 15.35
C THR C 64 6.34 4.84 14.92
N GLN C 65 5.53 5.38 14.00
CA GLN C 65 4.35 4.65 13.54
C GLN C 65 4.75 3.38 12.79
N ILE C 66 5.85 3.43 12.04
CA ILE C 66 6.30 2.25 11.31
C ILE C 66 6.64 1.13 12.28
N PHE C 67 7.39 1.45 13.33
CA PHE C 67 7.77 0.43 14.30
C PHE C 67 6.58 0.00 15.16
N LYS C 68 5.60 0.90 15.36
CA LYS C 68 4.41 0.54 16.13
C LYS C 68 3.50 -0.40 15.37
N THR C 69 3.65 -0.50 14.05
CA THR C 69 2.94 -1.51 13.28
C THR C 69 3.79 -2.75 13.02
N ASN C 70 5.12 -2.61 13.05
CA ASN C 70 6.00 -3.76 12.92
C ASN C 70 5.99 -4.66 14.15
N THR C 71 5.63 -4.11 15.31
CA THR C 71 5.52 -4.94 16.51
C THR C 71 4.29 -5.85 16.43
N GLN C 72 3.22 -5.39 15.80
CA GLN C 72 2.08 -6.26 15.54
C GLN C 72 2.34 -7.19 14.37
N THR C 73 3.16 -6.76 13.41
CA THR C 73 3.46 -7.58 12.25
C THR C 73 4.30 -8.80 12.63
N TYR C 74 5.29 -8.61 13.49
CA TYR C 74 6.14 -9.73 13.88
C TYR C 74 5.50 -10.59 14.96
N ARG C 75 4.59 -10.00 15.76
CA ARG C 75 3.85 -10.81 16.72
C ARG C 75 3.02 -11.87 16.02
N GLU C 76 2.40 -11.50 14.89
CA GLU C 76 1.73 -12.51 14.06
C GLU C 76 2.74 -13.42 13.37
N SER C 77 3.92 -12.89 13.03
CA SER C 77 4.96 -13.71 12.45
C SER C 77 5.45 -14.76 13.44
N LEU C 78 5.51 -14.40 14.73
CA LEU C 78 5.87 -15.39 15.75
C LEU C 78 4.78 -16.44 15.90
N ARG C 79 3.51 -16.03 15.80
CA ARG C 79 2.43 -17.00 15.87
C ARG C 79 2.36 -17.86 14.62
N ASN C 80 2.72 -17.31 13.46
CA ASN C 80 2.69 -18.09 12.24
C ASN C 80 3.77 -19.15 12.22
N LEU C 81 5.01 -18.76 12.55
CA LEU C 81 6.09 -19.73 12.59
C LEU C 81 5.88 -20.76 13.69
N ARG C 82 5.23 -20.36 14.79
CA ARG C 82 4.88 -21.32 15.82
C ARG C 82 3.96 -22.41 15.26
N GLY C 83 3.11 -22.06 14.31
CA GLY C 83 2.23 -23.04 13.70
C GLY C 83 2.90 -23.90 12.66
N TYR C 84 3.91 -23.36 11.97
CA TYR C 84 4.61 -24.14 10.96
C TYR C 84 5.35 -25.33 11.59
N TYR C 85 5.98 -25.09 12.74
CA TYR C 85 6.68 -26.14 13.47
C TYR C 85 5.82 -26.70 14.60
N ASN C 86 4.54 -26.31 14.68
CA ASN C 86 3.63 -26.65 15.78
C ASN C 86 4.32 -26.60 17.13
N GLN C 87 5.16 -25.58 17.35
CA GLN C 87 5.86 -25.45 18.61
C GLN C 87 4.90 -25.11 19.74
N SER C 88 5.29 -25.48 20.96
CA SER C 88 4.45 -25.24 22.12
C SER C 88 4.31 -23.74 22.38
N GLU C 89 3.14 -23.35 22.89
CA GLU C 89 2.87 -21.94 23.16
C GLU C 89 3.63 -21.41 24.37
N ALA C 90 4.24 -22.29 25.16
CA ALA C 90 5.00 -21.89 26.34
C ALA C 90 6.50 -21.79 26.07
N GLY C 91 6.91 -21.83 24.82
CA GLY C 91 8.31 -21.74 24.46
C GLY C 91 8.66 -20.36 23.91
N SER C 92 9.81 -19.85 24.35
CA SER C 92 10.29 -18.55 23.90
C SER C 92 11.05 -18.70 22.59
N HIS C 93 10.75 -17.82 21.63
CA HIS C 93 11.37 -17.85 20.32
C HIS C 93 11.64 -16.42 19.88
N ILE C 94 12.59 -16.28 18.95
CA ILE C 94 13.07 -14.96 18.54
C ILE C 94 13.22 -14.93 17.01
N ILE C 95 12.89 -13.78 16.43
CA ILE C 95 13.03 -13.54 15.00
C ILE C 95 13.92 -12.31 14.81
N GLN C 96 14.91 -12.43 13.93
CA GLN C 96 15.83 -11.34 13.64
C GLN C 96 15.86 -11.07 12.15
N ARG C 97 15.98 -9.78 11.80
CA ARG C 97 16.00 -9.37 10.40
C ARG C 97 16.97 -8.22 10.20
N MET C 98 17.65 -8.22 9.06
CA MET C 98 18.59 -7.18 8.68
C MET C 98 18.34 -6.79 7.23
N TYR C 99 18.38 -5.49 6.94
CA TYR C 99 18.21 -5.02 5.58
C TYR C 99 18.83 -3.63 5.45
N GLY C 100 18.90 -3.15 4.22
CA GLY C 100 19.47 -1.85 3.93
C GLY C 100 20.11 -1.83 2.55
N CYS C 101 20.44 -0.63 2.11
CA CYS C 101 21.06 -0.42 0.81
C CYS C 101 22.50 0.04 0.99
N ASP C 102 23.34 -0.32 0.03
CA ASP C 102 24.76 0.02 0.03
C ASP C 102 25.06 0.89 -1.17
N LEU C 103 25.46 2.14 -0.91
CA LEU C 103 25.80 3.08 -1.97
C LEU C 103 27.25 2.91 -2.39
N GLY C 104 27.53 3.24 -3.65
CA GLY C 104 28.86 3.13 -4.19
C GLY C 104 29.56 4.46 -4.33
N PRO C 105 30.87 4.43 -4.62
CA PRO C 105 31.61 5.69 -4.79
C PRO C 105 31.08 6.57 -5.91
N ASP C 106 30.49 5.97 -6.94
CA ASP C 106 29.91 6.77 -8.02
C ASP C 106 28.65 7.49 -7.56
N GLY C 107 27.85 6.84 -6.72
CA GLY C 107 26.65 7.47 -6.19
C GLY C 107 25.41 6.59 -6.18
N ARG C 108 25.50 5.41 -6.78
CA ARG C 108 24.36 4.51 -6.87
C ARG C 108 24.62 3.23 -6.07
N LEU C 109 23.58 2.42 -5.95
CA LEU C 109 23.64 1.22 -5.14
C LEU C 109 24.56 0.18 -5.77
N LEU C 110 25.21 -0.61 -4.91
CA LEU C 110 25.99 -1.77 -5.32
C LEU C 110 25.35 -3.08 -4.90
N ARG C 111 24.88 -3.17 -3.66
CA ARG C 111 24.26 -4.40 -3.17
C ARG C 111 23.20 -4.04 -2.14
N GLY C 112 21.96 -4.41 -2.43
CA GLY C 112 20.87 -4.28 -1.48
C GLY C 112 20.72 -5.58 -0.71
N HIS C 113 20.45 -5.46 0.59
CA HIS C 113 20.42 -6.60 1.49
C HIS C 113 19.08 -6.72 2.19
N ASP C 114 18.64 -7.96 2.39
CA ASP C 114 17.43 -8.27 3.15
C ASP C 114 17.53 -9.73 3.56
N GLN C 115 17.41 -10.00 4.86
CA GLN C 115 17.55 -11.35 5.37
C GLN C 115 16.87 -11.44 6.74
N SER C 116 16.26 -12.59 7.00
CA SER C 116 15.58 -12.84 8.26
C SER C 116 16.16 -14.09 8.92
N ALA C 117 15.78 -14.31 10.17
CA ALA C 117 16.26 -15.46 10.92
C ALA C 117 15.25 -15.83 12.00
N TYR C 118 15.35 -17.07 12.47
CA TYR C 118 14.45 -17.59 13.50
C TYR C 118 15.27 -18.42 14.47
N ASP C 119 15.21 -18.07 15.76
CA ASP C 119 15.91 -18.78 16.82
C ASP C 119 17.41 -18.88 16.56
N GLY C 120 17.98 -17.85 15.92
CA GLY C 120 19.38 -17.85 15.56
C GLY C 120 19.71 -18.56 14.27
N LYS C 121 18.74 -19.22 13.62
CA LYS C 121 18.96 -19.93 12.37
C LYS C 121 18.48 -19.08 11.20
N ASP C 122 19.21 -19.16 10.09
CA ASP C 122 18.77 -18.50 8.87
C ASP C 122 17.41 -19.05 8.45
N TYR C 123 16.46 -18.14 8.24
CA TYR C 123 15.09 -18.49 7.87
C TYR C 123 14.77 -18.20 6.41
N ILE C 124 14.99 -16.96 5.98
CA ILE C 124 14.64 -16.53 4.62
C ILE C 124 15.53 -15.35 4.28
N ALA C 125 15.75 -15.14 2.98
CA ALA C 125 16.61 -14.06 2.52
C ALA C 125 16.21 -13.63 1.12
N LEU C 126 16.51 -12.37 0.82
CA LEU C 126 16.33 -11.83 -0.53
C LEU C 126 17.63 -12.00 -1.30
N ASN C 127 17.52 -12.36 -2.57
CA ASN C 127 18.69 -12.73 -3.37
C ASN C 127 19.46 -11.48 -3.81
N GLU C 128 20.60 -11.73 -4.47
CA GLU C 128 21.37 -10.64 -5.07
C GLU C 128 20.51 -9.84 -6.03
N ASP C 129 19.87 -10.53 -6.97
CA ASP C 129 18.75 -9.92 -7.66
C ASP C 129 17.63 -9.72 -6.65
N LEU C 130 17.03 -8.54 -6.66
CA LEU C 130 16.06 -8.20 -5.63
C LEU C 130 14.72 -8.91 -5.83
N SER C 131 14.56 -9.69 -6.90
CA SER C 131 13.25 -10.20 -7.28
C SER C 131 12.88 -11.48 -6.54
N SER C 132 13.84 -12.34 -6.25
CA SER C 132 13.56 -13.69 -5.78
C SER C 132 13.89 -13.83 -4.30
N TRP C 133 13.72 -15.05 -3.79
CA TRP C 133 14.01 -15.39 -2.40
C TRP C 133 14.77 -16.70 -2.36
N THR C 134 15.27 -17.04 -1.17
CA THR C 134 15.99 -18.29 -0.94
C THR C 134 15.55 -18.86 0.39
N ALA C 135 14.85 -20.00 0.36
CA ALA C 135 14.35 -20.65 1.56
C ALA C 135 15.41 -21.56 2.16
N ALA C 136 15.41 -21.63 3.49
CA ALA C 136 16.36 -22.48 4.22
C ALA C 136 15.78 -23.84 4.57
N ASP C 137 14.50 -23.88 4.94
CA ASP C 137 13.88 -25.14 5.35
C ASP C 137 12.53 -25.35 4.66
N THR C 138 11.74 -26.29 5.18
CA THR C 138 10.41 -26.52 4.63
C THR C 138 9.46 -25.37 4.96
N ALA C 139 9.55 -24.84 6.19
CA ALA C 139 8.63 -23.79 6.60
C ALA C 139 8.91 -22.48 5.89
N ALA C 140 10.18 -22.21 5.54
CA ALA C 140 10.51 -20.98 4.82
C ALA C 140 9.80 -20.91 3.48
N GLN C 141 9.52 -22.06 2.86
CA GLN C 141 8.80 -22.08 1.59
C GLN C 141 7.36 -21.62 1.76
N ILE C 142 6.76 -21.89 2.93
CA ILE C 142 5.40 -21.44 3.19
C ILE C 142 5.33 -19.91 3.11
N THR C 143 6.21 -19.23 3.85
CA THR C 143 6.26 -17.78 3.78
C THR C 143 6.73 -17.30 2.41
N GLN C 144 7.68 -18.02 1.81
CA GLN C 144 8.12 -17.68 0.46
C GLN C 144 6.97 -17.75 -0.54
N ARG C 145 6.10 -18.74 -0.40
CA ARG C 145 4.99 -18.89 -1.32
C ARG C 145 4.05 -17.69 -1.27
N LYS C 146 3.86 -17.12 -0.07
CA LYS C 146 2.99 -15.95 0.06
C LYS C 146 3.62 -14.73 -0.60
N TRP C 147 4.92 -14.50 -0.35
CA TRP C 147 5.60 -13.33 -0.89
C TRP C 147 5.84 -13.44 -2.39
N GLU C 148 5.79 -14.66 -2.94
CA GLU C 148 5.88 -14.81 -4.40
C GLU C 148 4.67 -14.19 -5.08
N ALA C 149 3.48 -14.35 -4.48
CA ALA C 149 2.25 -13.86 -5.09
C ALA C 149 1.87 -12.45 -4.65
N ALA C 150 2.40 -11.97 -3.52
CA ALA C 150 2.10 -10.63 -3.03
C ALA C 150 3.11 -9.59 -3.48
N ARG C 151 4.14 -10.00 -4.25
CA ARG C 151 5.14 -9.09 -4.79
C ARG C 151 5.82 -8.28 -3.67
N VAL C 152 6.25 -8.99 -2.62
CA VAL C 152 6.93 -8.31 -1.52
C VAL C 152 8.31 -7.85 -1.96
N ALA C 153 9.02 -8.69 -2.73
CA ALA C 153 10.30 -8.29 -3.29
C ALA C 153 10.17 -7.12 -4.26
N GLU C 154 8.98 -6.93 -4.83
CA GLU C 154 8.73 -5.76 -5.68
C GLU C 154 8.79 -4.48 -4.85
N GLN C 155 8.27 -4.51 -3.62
CA GLN C 155 8.34 -3.35 -2.75
C GLN C 155 9.77 -3.03 -2.37
N LEU C 156 10.58 -4.05 -2.09
CA LEU C 156 11.95 -3.83 -1.65
C LEU C 156 12.81 -3.25 -2.77
N ARG C 157 12.65 -3.75 -4.00
CA ARG C 157 13.42 -3.21 -5.12
C ARG C 157 13.09 -1.73 -5.35
N ALA C 158 11.87 -1.31 -5.01
CA ALA C 158 11.52 0.09 -5.16
C ALA C 158 11.98 0.93 -3.98
N TYR C 159 12.14 0.31 -2.80
CA TYR C 159 12.61 1.02 -1.62
C TYR C 159 14.12 1.10 -1.56
N LEU C 160 14.80 -0.04 -1.77
CA LEU C 160 16.26 -0.05 -1.69
C LEU C 160 16.88 0.85 -2.74
N GLU C 161 16.30 0.89 -3.94
CA GLU C 161 16.78 1.74 -5.01
C GLU C 161 16.16 3.12 -5.01
N GLY C 162 15.28 3.42 -4.06
CA GLY C 162 14.57 4.68 -4.05
C GLY C 162 14.81 5.55 -2.82
N LEU C 163 13.99 5.33 -1.78
CA LEU C 163 14.10 6.15 -0.58
C LEU C 163 15.37 5.86 0.21
N CYS C 164 15.82 4.61 0.21
CA CYS C 164 17.03 4.26 0.98
C CYS C 164 18.25 4.98 0.43
N VAL C 165 18.44 4.93 -0.89
CA VAL C 165 19.59 5.60 -1.50
C VAL C 165 19.44 7.10 -1.37
N GLU C 166 18.21 7.62 -1.47
CA GLU C 166 18.00 9.07 -1.38
C GLU C 166 18.29 9.59 0.02
N TRP C 167 18.01 8.80 1.05
CA TRP C 167 18.22 9.24 2.42
C TRP C 167 19.58 8.84 2.98
N LEU C 168 20.12 7.70 2.56
CA LEU C 168 21.52 7.37 2.89
C LEU C 168 22.46 8.43 2.35
N ARG C 169 22.09 9.06 1.23
CA ARG C 169 22.85 10.15 0.66
C ARG C 169 22.65 11.44 1.46
N ARG C 170 21.42 11.72 1.89
CA ARG C 170 21.16 12.91 2.68
C ARG C 170 21.91 12.87 4.01
N TYR C 171 22.05 11.68 4.60
CA TYR C 171 22.78 11.55 5.85
C TYR C 171 24.26 11.84 5.67
N LEU C 172 24.82 11.52 4.49
CA LEU C 172 26.23 11.78 4.24
C LEU C 172 26.52 13.27 4.24
N GLU C 173 25.60 14.09 3.75
CA GLU C 173 25.84 15.53 3.68
C GLU C 173 25.58 16.20 5.01
N ASN C 174 24.59 15.74 5.77
CA ASN C 174 24.27 16.37 7.04
C ASN C 174 25.31 16.05 8.12
N GLY C 175 26.09 14.99 7.94
CA GLY C 175 27.10 14.63 8.92
C GLY C 175 28.43 14.28 8.30
N LYS C 176 28.82 15.03 7.27
CA LYS C 176 30.06 14.73 6.55
C LYS C 176 31.29 15.02 7.39
N GLU C 177 31.18 15.83 8.45
CA GLU C 177 32.32 16.11 9.29
C GLU C 177 32.75 14.90 10.11
N THR C 178 31.86 13.92 10.29
CA THR C 178 32.17 12.71 11.04
C THR C 178 31.96 11.43 10.24
N LEU C 179 31.01 11.40 9.31
CA LEU C 179 30.74 10.18 8.56
C LEU C 179 31.68 10.01 7.36
N GLN C 180 32.13 11.11 6.77
CA GLN C 180 33.06 11.07 5.66
C GLN C 180 34.46 11.52 6.05
N ARG C 181 34.75 11.62 7.34
CA ARG C 181 36.07 12.00 7.85
C ARG C 181 36.53 10.89 8.78
N ALA C 182 37.48 10.08 8.33
CA ALA C 182 37.99 8.98 9.13
C ALA C 182 39.08 9.47 10.08
N ASP C 183 39.15 8.84 11.25
CA ASP C 183 40.09 9.22 12.30
C ASP C 183 41.09 8.09 12.52
N PRO C 184 42.38 8.32 12.26
CA PRO C 184 43.39 7.27 12.49
C PRO C 184 43.52 6.97 13.97
N PRO C 185 43.99 5.78 14.33
CA PRO C 185 44.04 5.39 15.74
C PRO C 185 45.26 5.97 16.45
N LYS C 186 45.16 5.98 17.78
CA LYS C 186 46.28 6.36 18.65
C LYS C 186 47.01 5.07 19.03
N THR C 187 48.16 4.83 18.43
CA THR C 187 48.84 3.56 18.52
C THR C 187 50.07 3.66 19.42
N HIS C 188 50.28 2.62 20.24
CA HIS C 188 51.46 2.51 21.08
C HIS C 188 51.67 1.06 21.44
N VAL C 189 52.89 0.74 21.88
CA VAL C 189 53.29 -0.63 22.21
C VAL C 189 53.67 -0.68 23.68
N THR C 190 53.18 -1.71 24.37
CA THR C 190 53.48 -1.93 25.78
C THR C 190 54.21 -3.25 25.96
N HIS C 191 54.62 -3.51 27.20
CA HIS C 191 55.37 -4.72 27.52
C HIS C 191 55.25 -5.02 29.01
N HIS C 192 55.09 -6.31 29.33
CA HIS C 192 55.02 -6.78 30.71
C HIS C 192 55.69 -8.15 30.82
N PRO C 193 56.76 -8.28 31.61
CA PRO C 193 57.44 -9.57 31.71
C PRO C 193 56.58 -10.60 32.44
N VAL C 194 56.57 -11.83 31.91
CA VAL C 194 55.86 -12.93 32.51
C VAL C 194 56.79 -13.88 33.24
N SER C 195 57.93 -14.22 32.62
CA SER C 195 58.91 -15.11 33.20
C SER C 195 60.30 -14.60 32.83
N ASP C 196 61.32 -15.33 33.29
CA ASP C 196 62.70 -14.99 32.95
C ASP C 196 62.99 -15.22 31.48
N HIS C 197 62.26 -16.13 30.83
CA HIS C 197 62.49 -16.48 29.43
C HIS C 197 61.44 -15.93 28.48
N GLU C 198 60.26 -15.55 28.97
CA GLU C 198 59.18 -15.07 28.13
C GLU C 198 58.77 -13.66 28.54
N ALA C 199 58.14 -12.96 27.60
CA ALA C 199 57.70 -11.59 27.80
C ALA C 199 56.57 -11.29 26.84
N THR C 200 55.70 -10.38 27.23
CA THR C 200 54.51 -10.02 26.47
C THR C 200 54.69 -8.68 25.79
N LEU C 201 54.50 -8.64 24.47
CA LEU C 201 54.53 -7.42 23.69
C LEU C 201 53.13 -7.17 23.14
N ARG C 202 52.47 -6.14 23.67
CA ARG C 202 51.11 -5.79 23.29
C ARG C 202 51.11 -4.49 22.49
N CYS C 203 50.47 -4.52 21.31
CA CYS C 203 50.40 -3.36 20.42
C CYS C 203 48.99 -2.80 20.47
N TRP C 204 48.87 -1.53 20.85
CA TRP C 204 47.58 -0.90 21.06
C TRP C 204 47.21 -0.01 19.88
N ALA C 205 45.91 0.02 19.57
CA ALA C 205 45.32 0.98 18.64
C ALA C 205 44.04 1.50 19.29
N LEU C 206 43.96 2.82 19.46
CA LEU C 206 42.87 3.43 20.21
C LEU C 206 42.22 4.55 19.42
N GLY C 207 40.91 4.66 19.58
CA GLY C 207 40.14 5.75 19.00
C GLY C 207 40.21 5.82 17.49
N PHE C 208 39.67 4.81 16.81
CA PHE C 208 39.66 4.79 15.35
C PHE C 208 38.24 4.58 14.85
N TYR C 209 38.01 5.01 13.61
CA TYR C 209 36.76 4.83 12.91
C TYR C 209 37.02 4.79 11.40
N PRO C 210 36.43 3.84 10.65
CA PRO C 210 35.47 2.83 11.09
C PRO C 210 36.08 1.64 11.85
N ALA C 211 35.33 0.54 11.94
CA ALA C 211 35.72 -0.58 12.78
C ALA C 211 36.79 -1.46 12.16
N GLU C 212 36.97 -1.41 10.84
CA GLU C 212 37.90 -2.32 10.18
C GLU C 212 39.34 -1.91 10.48
N ILE C 213 40.11 -2.86 11.00
CA ILE C 213 41.51 -2.61 11.34
C ILE C 213 42.22 -3.96 11.37
N THR C 214 43.52 -3.95 11.06
CA THR C 214 44.32 -5.17 11.03
C THR C 214 45.54 -4.96 11.93
N LEU C 215 45.72 -5.85 12.90
CA LEU C 215 46.85 -5.80 13.82
C LEU C 215 47.56 -7.15 13.81
N THR C 216 48.81 -7.17 13.36
CA THR C 216 49.60 -8.38 13.27
C THR C 216 50.98 -8.15 13.85
N TRP C 217 51.57 -9.21 14.40
CA TRP C 217 52.92 -9.19 14.95
C TRP C 217 53.86 -9.94 14.03
N GLN C 218 55.08 -9.43 13.87
CA GLN C 218 56.02 -9.96 12.90
C GLN C 218 57.45 -9.88 13.41
N ARG C 219 58.23 -10.92 13.11
CA ARG C 219 59.69 -10.88 13.18
C ARG C 219 60.22 -10.70 11.76
N ASP C 220 61.21 -9.82 11.59
CA ASP C 220 61.72 -9.44 10.28
C ASP C 220 61.69 -10.54 9.22
N GLY C 221 61.77 -11.80 9.66
CA GLY C 221 61.62 -12.91 8.73
C GLY C 221 60.19 -13.10 8.25
N GLU C 222 59.24 -13.11 9.18
CA GLU C 222 57.83 -13.37 8.85
C GLU C 222 56.96 -12.87 9.99
N ASP C 223 55.66 -13.18 9.94
CA ASP C 223 54.72 -12.73 10.96
C ASP C 223 54.08 -13.91 11.66
N GLN C 224 53.91 -13.77 12.97
CA GLN C 224 53.36 -14.83 13.80
C GLN C 224 51.85 -14.98 13.61
N THR C 228 49.85 -14.90 17.69
CA THR C 228 49.45 -13.52 18.00
C THR C 228 48.05 -13.47 18.62
N GLU C 229 47.99 -13.18 19.92
CA GLU C 229 46.71 -13.08 20.62
C GLU C 229 45.99 -11.81 20.21
N LEU C 230 44.72 -11.93 19.80
CA LEU C 230 44.02 -10.82 19.18
C LEU C 230 42.56 -10.80 19.64
N VAL C 231 42.33 -10.26 20.83
CA VAL C 231 40.99 -9.80 21.18
C VAL C 231 40.68 -8.62 20.25
N GLU C 232 39.46 -8.56 19.73
CA GLU C 232 39.24 -7.74 18.54
C GLU C 232 38.06 -6.78 18.68
N THR C 233 38.34 -5.51 18.33
CA THR C 233 37.35 -4.47 18.04
C THR C 233 36.22 -4.41 19.06
N ARG C 234 36.59 -4.04 20.28
CA ARG C 234 35.57 -3.64 21.22
C ARG C 234 35.28 -2.15 21.05
N PRO C 235 34.08 -1.70 21.38
CA PRO C 235 33.77 -0.27 21.29
C PRO C 235 34.28 0.48 22.52
N ALA C 236 34.43 1.79 22.35
CA ALA C 236 34.80 2.65 23.46
C ALA C 236 33.62 3.37 24.10
N GLY C 237 32.48 3.45 23.40
CA GLY C 237 31.35 4.21 23.86
C GLY C 237 31.29 5.63 23.36
N ASP C 238 32.36 6.12 22.72
CA ASP C 238 32.39 7.44 22.11
C ASP C 238 32.30 7.37 20.59
N ARG C 239 31.65 6.33 20.07
CA ARG C 239 31.52 6.04 18.65
C ARG C 239 32.86 5.70 18.00
N THR C 240 33.86 5.35 18.81
CA THR C 240 35.13 4.84 18.31
C THR C 240 35.38 3.47 18.92
N PHE C 241 36.27 2.71 18.30
CA PHE C 241 36.56 1.35 18.72
C PHE C 241 38.02 1.22 19.15
N GLN C 242 38.29 0.17 19.92
CA GLN C 242 39.61 -0.07 20.47
C GLN C 242 39.98 -1.53 20.28
N LYS C 243 41.24 -1.78 19.95
CA LYS C 243 41.70 -3.12 19.59
C LYS C 243 43.19 -3.23 19.87
N TRP C 244 43.64 -4.44 20.20
CA TRP C 244 45.06 -4.65 20.42
C TRP C 244 45.41 -6.11 20.12
N ALA C 245 46.70 -6.32 19.78
CA ALA C 245 47.25 -7.64 19.53
C ALA C 245 48.51 -7.81 20.37
N ALA C 246 48.65 -8.98 21.00
CA ALA C 246 49.81 -9.28 21.82
C ALA C 246 50.46 -10.59 21.36
N VAL C 247 51.72 -10.75 21.73
CA VAL C 247 52.48 -11.96 21.40
C VAL C 247 53.50 -12.19 22.51
N VAL C 248 53.67 -13.45 22.89
CA VAL C 248 54.64 -13.81 23.91
C VAL C 248 56.01 -13.92 23.25
N VAL C 249 56.96 -13.10 23.69
CA VAL C 249 58.27 -13.03 23.06
C VAL C 249 59.34 -13.51 24.04
N PRO C 250 60.43 -14.08 23.56
CA PRO C 250 61.54 -14.44 24.46
C PRO C 250 62.20 -13.19 25.03
N SER C 251 62.20 -13.08 26.35
CA SER C 251 62.84 -11.96 27.02
C SER C 251 64.34 -11.96 26.74
N GLY C 252 64.83 -10.88 26.15
CA GLY C 252 66.21 -10.80 25.72
C GLY C 252 66.33 -10.50 24.24
N GLU C 253 65.41 -11.03 23.45
CA GLU C 253 65.34 -10.77 22.03
C GLU C 253 64.08 -9.96 21.68
N GLU C 254 63.79 -8.95 22.50
CA GLU C 254 62.47 -8.34 22.46
C GLU C 254 62.32 -7.40 21.26
N GLN C 255 63.36 -6.65 20.92
CA GLN C 255 63.23 -5.59 19.92
C GLN C 255 62.90 -6.13 18.53
N ARG C 256 63.06 -7.45 18.30
CA ARG C 256 62.91 -7.98 16.95
C ARG C 256 61.47 -7.95 16.44
N TYR C 257 60.48 -7.81 17.34
CA TYR C 257 59.08 -7.92 16.96
C TYR C 257 58.53 -6.56 16.55
N THR C 258 57.82 -6.53 15.42
CA THR C 258 57.27 -5.31 14.87
C THR C 258 55.75 -5.43 14.72
N CYS C 259 55.06 -4.31 14.91
CA CYS C 259 53.61 -4.25 14.82
C CYS C 259 53.20 -3.45 13.59
N HIS C 260 52.31 -4.04 12.78
CA HIS C 260 51.86 -3.43 11.53
C HIS C 260 50.37 -3.13 11.63
N VAL C 261 49.99 -1.91 11.26
CA VAL C 261 48.61 -1.43 11.34
C VAL C 261 48.15 -1.03 9.95
N GLN C 262 46.98 -1.55 9.55
CA GLN C 262 46.37 -1.21 8.26
C GLN C 262 44.99 -0.61 8.53
N HIS C 263 44.85 0.69 8.27
CA HIS C 263 43.61 1.39 8.55
C HIS C 263 43.33 2.38 7.42
N GLU C 264 42.06 2.75 7.29
CA GLU C 264 41.66 3.68 6.22
C GLU C 264 42.14 5.09 6.52
N GLY C 265 42.02 5.54 7.76
CA GLY C 265 42.41 6.89 8.13
C GLY C 265 43.91 7.14 8.09
N LEU C 266 44.73 6.10 8.00
CA LEU C 266 46.18 6.27 7.95
C LEU C 266 46.62 6.57 6.52
N PRO C 267 47.44 7.59 6.31
CA PRO C 267 47.97 7.83 4.95
C PRO C 267 48.88 6.72 4.46
N LYS C 268 49.65 6.10 5.35
CA LYS C 268 50.55 5.01 5.00
C LYS C 268 50.54 3.99 6.13
N PRO C 269 50.70 2.70 5.81
CA PRO C 269 50.74 1.68 6.86
C PRO C 269 51.86 1.93 7.85
N LEU C 270 51.57 1.70 9.13
CA LEU C 270 52.48 1.99 10.22
C LEU C 270 53.24 0.74 10.64
N THR C 271 54.42 0.97 11.22
CA THR C 271 55.26 -0.10 11.76
C THR C 271 55.80 0.37 13.09
N LEU C 272 55.54 -0.39 14.15
CA LEU C 272 55.85 0.02 15.51
C LEU C 272 56.78 -0.97 16.19
N ARG C 273 57.64 -0.45 17.06
CA ARG C 273 58.56 -1.26 17.85
C ARG C 273 58.56 -0.74 19.27
N TRP C 274 58.59 -1.67 20.24
CA TRP C 274 58.63 -1.28 21.65
C TRP C 274 59.96 -0.60 21.95
N GLU C 275 59.91 0.71 22.15
CA GLU C 275 61.11 1.49 22.47
C GLU C 275 61.12 1.76 23.97
N PRO C 276 62.02 1.12 24.74
CA PRO C 276 62.11 1.29 26.19
C PRO C 276 62.30 2.73 26.62
N ILE D 1 22.16 -21.80 17.98
CA ILE D 1 21.06 -21.59 18.92
C ILE D 1 21.62 -21.54 20.34
N GLN D 2 22.56 -22.43 20.64
CA GLN D 2 23.27 -22.44 21.90
C GLN D 2 24.61 -21.73 21.72
N ARG D 3 24.83 -20.67 22.49
CA ARG D 3 26.00 -19.83 22.31
C ARG D 3 26.53 -19.36 23.65
N THR D 4 27.86 -19.38 23.80
CA THR D 4 28.50 -18.91 25.02
C THR D 4 28.91 -17.45 24.89
N PRO D 5 28.66 -16.61 25.90
CA PRO D 5 29.00 -15.20 25.78
C PRO D 5 30.50 -14.94 25.97
N LYS D 6 31.02 -14.04 25.16
CA LYS D 6 32.39 -13.57 25.30
C LYS D 6 32.39 -12.24 26.05
N ILE D 7 33.32 -12.08 26.97
CA ILE D 7 33.36 -10.93 27.88
C ILE D 7 34.68 -10.19 27.71
N GLN D 8 34.59 -8.87 27.64
CA GLN D 8 35.76 -8.00 27.62
C GLN D 8 35.56 -6.89 28.64
N VAL D 9 36.48 -6.79 29.60
CA VAL D 9 36.46 -5.75 30.61
C VAL D 9 37.66 -4.83 30.36
N TYR D 10 37.38 -3.54 30.26
CA TYR D 10 38.38 -2.56 29.83
C TYR D 10 37.90 -1.17 30.23
N SER D 11 38.58 -0.15 29.72
CA SER D 11 38.24 1.24 30.00
C SER D 11 38.20 2.03 28.71
N ARG D 12 37.46 3.14 28.74
CA ARG D 12 37.32 3.99 27.57
C ARG D 12 38.63 4.70 27.25
N HIS D 13 39.39 5.05 28.28
CA HIS D 13 40.69 5.71 28.17
C HIS D 13 41.70 4.94 28.99
N PRO D 14 43.00 5.15 28.76
CA PRO D 14 44.01 4.49 29.59
C PRO D 14 43.84 4.84 31.06
N ALA D 15 43.88 3.80 31.89
CA ALA D 15 43.61 3.96 33.32
C ALA D 15 44.73 4.75 33.99
N GLU D 16 44.36 5.84 34.66
CA GLU D 16 45.30 6.65 35.42
C GLU D 16 44.71 6.89 36.81
N ASN D 17 45.51 6.61 37.85
CA ASN D 17 45.02 6.74 39.21
C ASN D 17 44.66 8.19 39.53
N GLY D 18 43.40 8.41 39.89
CA GLY D 18 42.92 9.72 40.27
C GLY D 18 42.07 10.42 39.23
N LYS D 19 42.19 10.04 37.97
CA LYS D 19 41.45 10.69 36.89
C LYS D 19 40.20 9.89 36.55
N SER D 20 39.18 10.61 36.09
CA SER D 20 37.90 10.00 35.75
C SER D 20 38.00 9.24 34.43
N ASN D 21 37.19 8.18 34.32
CA ASN D 21 37.18 7.34 33.14
C ASN D 21 35.84 6.58 33.11
N PHE D 22 35.70 5.70 32.12
CA PHE D 22 34.53 4.86 31.99
C PHE D 22 34.96 3.40 32.02
N LEU D 23 34.27 2.60 32.84
CA LEU D 23 34.51 1.17 32.91
C LEU D 23 33.50 0.48 32.01
N ASN D 24 34.00 -0.31 31.04
CA ASN D 24 33.16 -0.94 30.03
C ASN D 24 33.24 -2.46 30.16
N CYS D 25 32.07 -3.11 30.16
CA CYS D 25 31.97 -4.56 30.06
C CYS D 25 31.22 -4.89 28.79
N TYR D 26 31.94 -5.41 27.80
CA TYR D 26 31.41 -5.62 26.45
C TYR D 26 31.16 -7.11 26.23
N VAL D 27 29.92 -7.53 26.47
CA VAL D 27 29.50 -8.89 26.15
C VAL D 27 29.13 -8.95 24.67
N SER D 28 29.54 -10.04 24.01
CA SER D 28 29.31 -10.18 22.59
C SER D 28 29.22 -11.65 22.23
N GLY D 29 28.46 -11.94 21.18
CA GLY D 29 28.31 -13.30 20.69
C GLY D 29 27.66 -14.23 21.70
N PHE D 30 26.38 -14.00 21.99
CA PHE D 30 25.66 -14.85 22.93
C PHE D 30 24.21 -14.96 22.51
N HIS D 31 23.64 -16.16 22.72
CA HIS D 31 22.27 -16.48 22.35
C HIS D 31 21.67 -17.32 23.47
N PRO D 32 20.43 -17.05 23.88
CA PRO D 32 19.55 -15.98 23.37
C PRO D 32 19.82 -14.61 24.00
N SER D 33 18.84 -13.72 23.91
CA SER D 33 19.03 -12.34 24.35
C SER D 33 19.12 -12.25 25.87
N ASP D 34 18.33 -13.05 26.57
CA ASP D 34 18.21 -12.93 28.03
C ASP D 34 19.56 -13.13 28.69
N ILE D 35 20.01 -12.12 29.43
CA ILE D 35 21.32 -12.16 30.09
C ILE D 35 21.28 -11.24 31.30
N GLU D 36 21.99 -11.63 32.36
CA GLU D 36 22.13 -10.84 33.57
C GLU D 36 23.57 -10.36 33.65
N VAL D 37 23.77 -9.04 33.65
CA VAL D 37 25.10 -8.45 33.68
C VAL D 37 25.15 -7.45 34.84
N ASP D 38 26.09 -7.68 35.76
CA ASP D 38 26.31 -6.79 36.90
C ASP D 38 27.78 -6.38 36.95
N LEU D 39 28.01 -5.15 37.39
CA LEU D 39 29.36 -4.63 37.61
C LEU D 39 29.65 -4.62 39.10
N LEU D 40 30.80 -5.18 39.49
CA LEU D 40 31.14 -5.38 40.88
C LEU D 40 32.26 -4.41 41.29
N LYS D 41 32.10 -3.81 42.47
CA LYS D 41 33.08 -2.91 43.07
C LYS D 41 33.66 -3.62 44.30
N ASN D 42 34.74 -4.36 44.10
CA ASN D 42 35.41 -5.12 45.15
C ASN D 42 34.48 -6.11 45.83
N GLY D 43 33.46 -6.57 45.11
CA GLY D 43 32.52 -7.54 45.63
C GLY D 43 31.12 -7.02 45.84
N GLU D 44 30.91 -5.71 45.82
CA GLU D 44 29.58 -5.13 46.01
C GLU D 44 29.02 -4.65 44.69
N ARG D 45 27.69 -4.58 44.62
CA ARG D 45 27.03 -4.16 43.41
C ARG D 45 27.20 -2.65 43.19
N ILE D 46 27.28 -2.26 41.92
CA ILE D 46 27.34 -0.87 41.53
C ILE D 46 25.96 -0.44 41.09
N GLU D 47 25.39 0.56 41.76
CA GLU D 47 24.05 1.00 41.47
C GLU D 47 24.03 1.97 40.30
N LYS D 48 22.88 2.06 39.65
CA LYS D 48 22.64 2.97 38.53
C LYS D 48 23.66 2.74 37.41
N VAL D 49 23.61 1.54 36.82
CA VAL D 49 24.43 1.19 35.68
C VAL D 49 23.61 1.35 34.41
N GLU D 50 24.29 1.62 33.31
CA GLU D 50 23.65 1.81 32.02
C GLU D 50 24.17 0.79 31.02
N HIS D 51 23.28 0.36 30.12
CA HIS D 51 23.62 -0.61 29.09
C HIS D 51 23.36 -0.01 27.71
N SER D 52 24.08 -0.54 26.72
CA SER D 52 23.92 -0.07 25.35
C SER D 52 22.68 -0.66 24.72
N ASP D 53 22.60 -0.61 23.40
CA ASP D 53 21.41 -1.05 22.67
C ASP D 53 21.60 -2.46 22.14
N LEU D 54 20.52 -3.23 22.11
CA LEU D 54 20.58 -4.63 21.72
C LEU D 54 20.63 -4.74 20.20
N SER D 55 21.80 -5.10 19.67
CA SER D 55 21.98 -5.37 18.26
C SER D 55 22.71 -6.70 18.12
N PHE D 56 22.82 -7.17 16.88
CA PHE D 56 23.48 -8.44 16.60
C PHE D 56 24.49 -8.26 15.46
N SER D 57 25.50 -9.13 15.45
CA SER D 57 26.50 -9.13 14.41
C SER D 57 25.97 -9.85 13.17
N LYS D 58 26.83 -9.98 12.16
CA LYS D 58 26.41 -10.63 10.92
C LYS D 58 26.23 -12.14 11.07
N ASP D 59 26.71 -12.73 12.16
CA ASP D 59 26.44 -14.13 12.45
C ASP D 59 25.21 -14.33 13.33
N TRP D 60 24.37 -13.29 13.45
CA TRP D 60 23.15 -13.34 14.27
C TRP D 60 23.47 -13.64 15.72
N SER D 61 24.53 -13.01 16.24
CA SER D 61 24.91 -13.14 17.64
C SER D 61 24.87 -11.76 18.28
N PHE D 62 24.26 -11.67 19.45
CA PHE D 62 24.01 -10.38 20.09
C PHE D 62 25.27 -9.86 20.79
N TYR D 63 25.30 -8.55 21.00
CA TYR D 63 26.40 -7.91 21.72
C TYR D 63 25.87 -6.68 22.44
N LEU D 64 26.25 -6.54 23.70
CA LEU D 64 25.85 -5.40 24.52
C LEU D 64 27.09 -4.76 25.13
N LEU D 65 26.92 -3.52 25.57
CA LEU D 65 27.99 -2.76 26.23
C LEU D 65 27.43 -2.15 27.50
N TYR D 66 27.92 -2.61 28.65
CA TYR D 66 27.55 -2.05 29.94
C TYR D 66 28.68 -1.14 30.41
N TYR D 67 28.34 0.11 30.69
CA TYR D 67 29.32 1.14 31.02
C TYR D 67 28.89 1.89 32.27
N THR D 68 29.84 2.60 32.86
CA THR D 68 29.59 3.42 34.05
C THR D 68 30.80 4.32 34.27
N GLU D 69 30.59 5.36 35.09
CA GLU D 69 31.67 6.25 35.47
C GLU D 69 32.55 5.58 36.51
N PHE D 70 33.87 5.66 36.32
CA PHE D 70 34.82 5.05 37.24
C PHE D 70 36.08 5.88 37.29
N THR D 71 36.59 6.10 38.50
CA THR D 71 37.87 6.77 38.70
C THR D 71 38.88 5.74 39.20
N PRO D 72 39.76 5.21 38.35
CA PRO D 72 40.62 4.10 38.76
C PRO D 72 41.51 4.47 39.94
N THR D 73 41.64 3.54 40.88
CA THR D 73 42.57 3.64 41.98
C THR D 73 43.41 2.37 42.03
N GLU D 74 44.51 2.44 42.80
CA GLU D 74 45.43 1.30 42.83
C GLU D 74 44.87 0.13 43.63
N LYS D 75 44.06 0.40 44.66
CA LYS D 75 43.59 -0.64 45.57
C LYS D 75 42.17 -1.10 45.28
N ASP D 76 41.50 -0.54 44.28
CA ASP D 76 40.14 -0.91 43.94
C ASP D 76 40.15 -1.86 42.75
N GLU D 77 39.57 -3.05 42.92
CA GLU D 77 39.49 -4.06 41.89
C GLU D 77 38.04 -4.23 41.47
N TYR D 78 37.76 -4.02 40.19
CA TYR D 78 36.43 -4.16 39.63
C TYR D 78 36.36 -5.39 38.74
N ALA D 79 35.14 -5.90 38.58
CA ALA D 79 34.90 -7.09 37.76
C ALA D 79 33.50 -7.00 37.16
N CYS D 80 33.23 -7.91 36.23
CA CYS D 80 31.94 -7.96 35.54
C CYS D 80 31.33 -9.34 35.73
N ARG D 81 30.15 -9.39 36.34
CA ARG D 81 29.42 -10.63 36.57
C ARG D 81 28.40 -10.82 35.46
N VAL D 82 28.52 -11.92 34.73
CA VAL D 82 27.64 -12.22 33.60
C VAL D 82 27.02 -13.59 33.84
N ASN D 83 25.68 -13.65 33.81
CA ASN D 83 24.95 -14.89 33.95
C ASN D 83 24.16 -15.15 32.68
N HIS D 84 24.05 -16.42 32.31
CA HIS D 84 23.42 -16.80 31.04
C HIS D 84 23.01 -18.26 31.13
N VAL D 85 22.07 -18.64 30.26
CA VAL D 85 21.61 -20.02 30.24
C VAL D 85 22.69 -20.97 29.74
N THR D 86 23.69 -20.45 29.02
CA THR D 86 24.70 -21.32 28.44
C THR D 86 25.58 -21.96 29.50
N LEU D 87 26.00 -21.19 30.52
CA LEU D 87 26.83 -21.74 31.58
C LEU D 87 26.09 -21.72 32.90
N SER D 88 26.35 -22.74 33.72
CA SER D 88 25.54 -23.00 34.90
C SER D 88 25.79 -21.98 36.01
N GLN D 89 27.06 -21.73 36.35
CA GLN D 89 27.30 -20.83 37.45
C GLN D 89 27.75 -19.46 36.94
N PRO D 90 27.46 -18.39 37.68
CA PRO D 90 27.77 -17.04 37.20
C PRO D 90 29.27 -16.88 36.92
N LYS D 91 29.57 -16.14 35.85
CA LYS D 91 30.93 -15.95 35.38
C LYS D 91 31.44 -14.58 35.81
N ILE D 92 32.70 -14.55 36.27
CA ILE D 92 33.35 -13.33 36.73
C ILE D 92 34.58 -13.10 35.86
N VAL D 93 34.76 -11.86 35.41
CA VAL D 93 35.93 -11.46 34.63
C VAL D 93 36.48 -10.19 35.27
N LYS D 94 37.62 -10.30 35.94
CA LYS D 94 38.22 -9.16 36.61
C LYS D 94 38.76 -8.16 35.59
N TRP D 95 38.86 -6.91 36.01
CA TRP D 95 39.35 -5.85 35.15
C TRP D 95 40.88 -5.80 35.18
N ASP D 96 41.48 -5.66 34.01
CA ASP D 96 42.92 -5.48 33.87
C ASP D 96 43.17 -4.13 33.19
N ARG D 97 44.04 -3.31 33.79
CA ARG D 97 44.35 -2.01 33.23
C ARG D 97 45.10 -2.10 31.92
N ASP D 98 45.70 -3.24 31.62
CA ASP D 98 46.46 -3.43 30.39
C ASP D 98 45.71 -4.33 29.42
N ILE E 1 15.16 6.62 6.81
CA ILE E 1 13.83 6.05 7.02
C ILE E 1 13.86 4.54 6.78
N PRO E 2 13.11 3.80 7.59
CA PRO E 2 13.05 2.34 7.45
C PRO E 2 12.06 1.98 6.35
N LEU E 3 11.85 0.67 6.18
CA LEU E 3 10.91 0.18 5.20
C LEU E 3 9.49 0.52 5.66
N THR E 4 8.70 1.11 4.75
CA THR E 4 7.41 1.67 5.15
C THR E 4 6.45 0.60 5.63
N GLU E 5 6.21 -0.41 4.79
CA GLU E 5 5.30 -1.50 5.10
C GLU E 5 6.04 -2.82 5.09
N GLU E 6 5.73 -3.66 6.08
CA GLU E 6 6.40 -4.94 6.28
C GLU E 6 5.42 -6.08 6.00
N ALA E 7 5.88 -7.07 5.25
CA ALA E 7 5.13 -8.32 5.12
C ALA E 7 5.22 -9.09 6.43
N GLU E 8 4.39 -10.13 6.54
CA GLU E 8 4.37 -10.98 7.72
C GLU E 8 4.86 -12.38 7.35
N LEU E 9 5.07 -13.19 8.38
CA LEU E 9 5.65 -14.51 8.20
C LEU E 9 4.63 -15.60 8.53
#